data_8Y31
#
_entry.id   8Y31
#
_cell.length_a   73.155
_cell.length_b   121.031
_cell.length_c   79.738
_cell.angle_alpha   90.00
_cell.angle_beta   111.51
_cell.angle_gamma   90.00
#
_symmetry.space_group_name_H-M   'P 1 21 1'
#
loop_
_entity.id
_entity.type
_entity.pdbx_description
1 polymer QX006N-Fab-LC
2 polymer QX006N-Fab-HC
3 polymer 'Interferon alpha/beta receptor 1'
4 water water
#
loop_
_entity_poly.entity_id
_entity_poly.type
_entity_poly.pdbx_seq_one_letter_code
_entity_poly.pdbx_strand_id
1 'polypeptide(L)'
;AIQMTQSPSSLSASVGDRVTITCQASQSISNQLSWYQQKPGKAPKLLIYDASSLASGVPSRFSGSRSGTKFTLTISSLQP
EDFATYYCLGIYGDGADDGIAFGGGTKVEIKRTVAAPSVFIFPPSDEQLKSGTASVVCLLNNFYPREAKVQWKVDNALQS
GNSQESVTEQDSKDSTYSLSSTLTLSKADYEKHKVYACEVTQGTTSVTKSFNRGEC
;
A,C
2 'polypeptide(L)'
;EVQLVESGGGLVQPGGSLRLSCAASGFSLSSYYMTWVRQAPGKGLEWVSVINVYGGTYYASWAKGRFTISRDNSKNTLYL
QMNSLRAEDTAVYYCAREDVAVYMAIDLWGQGTLVTVSSASTKGPSVFPLAPSSKSTSGGTAALGCLVKDYFPEPVTVSW
NSGALTSGVHTFPAVLQSSGLYSLSSVVTVPSSSLGTQTYICNVNHKPSNTKVDKKVEPKSCGGHHHHHH
;
B,D
3 'polypeptide(L)'
;MMVVLLGATTLVLVAVAPWVLSAAAGGKNLKSPQKVEVDIIDDNFILRWNRSDESVGNVTFSFDYQKTGMDNWIKLSGCQ
NITSTKCNFSSLKLNVYEEIKLRIRAEKENTSSWYEVDSFTPFRKAQIGPPEVHLEAEDKAIVIHISPGTKDSVMWALDG
LSFTYSLVIWKNSSGVEERIENIYSRHKIYKLSPETTYCLKVKAALLTSWKIGVYSPVHCIKTTVENELPPPENIEVSVQ
NQNYVLKWDYTYANMTFQVQWLHAFLKRNPGNHLYKWKQIPDCENVKTTQCVFPQNVFQKGIYLLRVQASDGNNTSFWSE
EIKFDTEIQAFLLEVLFQGPHHHHHH
;
E,F
#
# COMPACT_ATOMS: atom_id res chain seq x y z
N ALA A 1 10.27 -7.87 -9.10
CA ALA A 1 8.93 -7.31 -8.93
C ALA A 1 8.52 -6.55 -10.18
N ILE A 2 7.26 -6.73 -10.59
CA ILE A 2 6.75 -6.09 -11.80
C ILE A 2 5.51 -5.28 -11.44
N GLN A 3 5.33 -4.17 -12.16
CA GLN A 3 4.17 -3.31 -12.01
C GLN A 3 3.58 -3.05 -13.38
N MET A 4 2.25 -2.98 -13.45
CA MET A 4 1.55 -2.59 -14.66
C MET A 4 0.98 -1.20 -14.47
N THR A 5 1.32 -0.29 -15.36
CA THR A 5 0.80 1.07 -15.35
C THR A 5 -0.30 1.16 -16.41
N GLN A 6 -1.54 1.26 -15.97
CA GLN A 6 -2.69 1.33 -16.86
C GLN A 6 -3.10 2.79 -17.08
N SER A 7 -3.60 3.07 -18.28
CA SER A 7 -4.01 4.41 -18.68
C SER A 7 -5.08 4.35 -19.76
N PRO A 8 -6.09 5.22 -19.73
CA PRO A 8 -6.31 6.21 -18.68
C PRO A 8 -6.99 5.59 -17.49
N SER A 9 -7.02 6.32 -16.37
CA SER A 9 -7.71 5.84 -15.19
C SER A 9 -9.21 5.72 -15.43
N SER A 10 -9.77 6.62 -16.21
CA SER A 10 -11.18 6.55 -16.62
C SER A 10 -11.33 7.19 -17.99
N LEU A 11 -12.47 6.94 -18.63
CA LEU A 11 -12.76 7.57 -19.92
C LEU A 11 -14.26 7.52 -20.18
N SER A 12 -14.73 8.51 -20.94
CA SER A 12 -16.09 8.55 -21.44
C SER A 12 -16.05 8.60 -22.97
N ALA A 13 -16.99 7.93 -23.62
CA ALA A 13 -17.02 7.86 -25.07
C ALA A 13 -18.42 7.49 -25.54
N SER A 14 -18.75 7.91 -26.76
CA SER A 14 -20.09 7.67 -27.31
C SER A 14 -20.21 6.25 -27.85
N VAL A 15 -21.46 5.80 -28.00
CA VAL A 15 -21.72 4.52 -28.65
C VAL A 15 -21.21 4.58 -30.09
N GLY A 16 -20.36 3.62 -30.45
CA GLY A 16 -19.76 3.57 -31.76
C GLY A 16 -18.33 4.07 -31.84
N ASP A 17 -17.81 4.68 -30.78
CA ASP A 17 -16.44 5.17 -30.81
C ASP A 17 -15.44 4.02 -30.70
N ARG A 18 -14.19 4.32 -31.05
CA ARG A 18 -13.08 3.40 -30.89
C ARG A 18 -12.29 3.87 -29.67
N VAL A 19 -12.26 3.04 -28.62
CA VAL A 19 -11.59 3.39 -27.38
C VAL A 19 -10.39 2.49 -27.21
N THR A 20 -9.35 3.04 -26.56
CA THR A 20 -8.08 2.36 -26.42
C THR A 20 -7.59 2.50 -24.98
N ILE A 21 -7.32 1.35 -24.35
CA ILE A 21 -6.69 1.27 -23.05
C ILE A 21 -5.24 0.87 -23.28
N THR A 22 -4.33 1.50 -22.56
CA THR A 22 -2.92 1.16 -22.63
C THR A 22 -2.48 0.64 -21.27
N CYS A 23 -1.49 -0.24 -21.29
CA CYS A 23 -0.97 -0.83 -20.08
C CYS A 23 0.51 -1.11 -20.32
N GLN A 24 1.38 -0.51 -19.53
CA GLN A 24 2.81 -0.64 -19.73
C GLN A 24 3.42 -1.45 -18.59
N ALA A 25 4.28 -2.40 -18.95
CA ALA A 25 4.96 -3.21 -17.96
C ALA A 25 6.27 -2.57 -17.56
N SER A 26 6.63 -2.75 -16.28
CA SER A 26 7.91 -2.23 -15.79
C SER A 26 9.08 -2.90 -16.49
N GLN A 27 8.89 -4.11 -16.99
CA GLN A 27 9.90 -4.77 -17.81
C GLN A 27 9.18 -5.79 -18.70
N SER A 28 9.93 -6.36 -19.64
CA SER A 28 9.32 -7.24 -20.62
C SER A 28 8.72 -8.46 -19.94
N ILE A 29 7.52 -8.83 -20.39
CA ILE A 29 6.80 -9.98 -19.88
C ILE A 29 6.38 -10.86 -21.05
N SER A 30 7.04 -10.67 -22.20
CA SER A 30 6.71 -11.36 -23.45
C SER A 30 5.25 -11.02 -23.77
N ASN A 31 4.44 -11.99 -24.20
CA ASN A 31 3.05 -11.76 -24.51
C ASN A 31 2.12 -12.04 -23.34
N GLN A 32 2.67 -12.38 -22.17
CA GLN A 32 1.87 -12.85 -21.04
C GLN A 32 1.16 -11.69 -20.35
N LEU A 33 0.26 -11.06 -21.11
CA LEU A 33 -0.62 -10.03 -20.59
C LEU A 33 -2.03 -10.34 -21.01
N SER A 34 -2.95 -10.31 -20.06
CA SER A 34 -4.35 -10.60 -20.32
C SER A 34 -5.21 -9.41 -19.90
N TRP A 35 -6.39 -9.32 -20.51
CA TRP A 35 -7.33 -8.23 -20.28
C TRP A 35 -8.64 -8.80 -19.78
N TYR A 36 -9.18 -8.13 -18.75
CA TYR A 36 -10.37 -8.54 -18.03
C TYR A 36 -11.37 -7.39 -17.98
N GLN A 37 -12.65 -7.75 -18.03
CA GLN A 37 -13.76 -6.82 -17.89
C GLN A 37 -14.52 -7.15 -16.60
N GLN A 38 -14.79 -6.14 -15.78
CA GLN A 38 -15.53 -6.30 -14.55
C GLN A 38 -16.76 -5.40 -14.58
N LYS A 39 -17.92 -6.04 -14.66
CA LYS A 39 -19.21 -5.38 -14.57
C LYS A 39 -19.54 -5.12 -13.11
N PRO A 40 -20.45 -4.19 -12.83
CA PRO A 40 -20.80 -3.89 -11.44
C PRO A 40 -21.31 -5.14 -10.72
N GLY A 41 -20.72 -5.40 -9.55
CA GLY A 41 -21.17 -6.50 -8.72
C GLY A 41 -21.00 -7.88 -9.33
N LYS A 42 -19.96 -8.08 -10.14
CA LYS A 42 -19.66 -9.38 -10.71
C LYS A 42 -18.16 -9.60 -10.69
N ALA A 43 -17.77 -10.86 -10.81
CA ALA A 43 -16.36 -11.18 -10.87
C ALA A 43 -15.82 -10.81 -12.24
N PRO A 44 -14.52 -10.59 -12.36
CA PRO A 44 -13.95 -10.24 -13.66
C PRO A 44 -14.16 -11.36 -14.68
N LYS A 45 -14.25 -10.97 -15.94
CA LYS A 45 -14.40 -11.88 -17.05
C LYS A 45 -13.19 -11.77 -17.97
N LEU A 46 -12.60 -12.91 -18.34
CA LEU A 46 -11.45 -12.92 -19.24
C LEU A 46 -11.88 -12.50 -20.64
N LEU A 47 -11.25 -11.44 -21.16
CA LEU A 47 -11.48 -11.00 -22.53
C LEU A 47 -10.36 -11.43 -23.47
N ILE A 48 -9.10 -11.19 -23.08
CA ILE A 48 -8.00 -11.38 -24.01
C ILE A 48 -6.83 -12.02 -23.27
N TYR A 49 -6.13 -12.93 -23.96
CA TYR A 49 -4.95 -13.62 -23.41
C TYR A 49 -3.80 -13.60 -24.42
N ASP A 50 -2.58 -13.70 -23.92
CA ASP A 50 -1.36 -13.68 -24.77
C ASP A 50 -1.31 -12.39 -25.60
N ALA A 51 -1.78 -11.29 -25.03
CA ALA A 51 -1.73 -9.95 -25.67
C ALA A 51 -2.76 -9.77 -26.78
N SER A 52 -3.01 -10.78 -27.61
CA SER A 52 -3.90 -10.57 -28.77
C SER A 52 -4.96 -11.65 -28.96
N SER A 53 -4.94 -12.71 -28.17
CA SER A 53 -5.87 -13.83 -28.45
C SER A 53 -7.19 -13.63 -27.72
N LEU A 54 -8.28 -13.55 -28.49
CA LEU A 54 -9.59 -13.42 -27.87
C LEU A 54 -10.00 -14.70 -27.17
N ALA A 55 -10.57 -14.54 -25.98
CA ALA A 55 -11.12 -15.68 -25.26
C ALA A 55 -12.47 -16.07 -25.86
N SER A 56 -12.91 -17.28 -25.51
CA SER A 56 -14.13 -17.83 -26.05
C SER A 56 -15.34 -17.02 -25.62
N GLY A 57 -16.17 -16.64 -26.61
CA GLY A 57 -17.41 -15.93 -26.32
C GLY A 57 -17.26 -14.44 -26.16
N VAL A 58 -16.21 -13.84 -26.69
CA VAL A 58 -15.96 -12.42 -26.57
C VAL A 58 -16.25 -11.78 -27.93
N PRO A 59 -17.13 -10.78 -27.99
CA PRO A 59 -17.44 -10.16 -29.29
C PRO A 59 -16.18 -9.64 -29.98
N SER A 60 -16.25 -9.59 -31.31
CA SER A 60 -15.10 -9.28 -32.12
C SER A 60 -14.65 -7.82 -32.02
N ARG A 61 -15.39 -6.96 -31.33
CA ARG A 61 -14.95 -5.57 -31.22
C ARG A 61 -13.79 -5.40 -30.24
N PHE A 62 -13.47 -6.41 -29.45
CA PHE A 62 -12.33 -6.37 -28.55
C PHE A 62 -11.09 -6.91 -29.26
N SER A 63 -9.99 -6.19 -29.15
CA SER A 63 -8.74 -6.63 -29.77
C SER A 63 -7.58 -6.19 -28.89
N GLY A 64 -6.45 -6.86 -29.05
CA GLY A 64 -5.29 -6.57 -28.23
C GLY A 64 -4.03 -6.56 -29.07
N SER A 65 -3.09 -5.72 -28.66
CA SER A 65 -1.86 -5.52 -29.40
C SER A 65 -0.70 -5.32 -28.44
N ARG A 66 0.50 -5.70 -28.88
CA ARG A 66 1.73 -5.57 -28.11
C ARG A 66 2.77 -4.75 -28.88
N SER A 67 3.60 -4.03 -28.13
CA SER A 67 4.77 -3.35 -28.68
C SER A 67 5.76 -3.20 -27.53
N GLY A 68 6.70 -4.14 -27.44
CA GLY A 68 7.65 -4.17 -26.34
C GLY A 68 7.00 -4.43 -24.99
N THR A 69 6.98 -3.41 -24.13
CA THR A 69 6.30 -3.49 -22.85
C THR A 69 5.01 -2.70 -22.82
N LYS A 70 4.57 -2.18 -23.97
CA LYS A 70 3.32 -1.44 -24.06
C LYS A 70 2.26 -2.33 -24.70
N PHE A 71 1.15 -2.53 -24.00
CA PHE A 71 0.05 -3.34 -24.49
C PHE A 71 -1.17 -2.45 -24.64
N THR A 72 -2.03 -2.80 -25.60
CA THR A 72 -3.20 -1.99 -25.91
C THR A 72 -4.42 -2.90 -26.06
N LEU A 73 -5.48 -2.57 -25.33
CA LEU A 73 -6.79 -3.15 -25.53
C LEU A 73 -7.64 -2.14 -26.30
N THR A 74 -8.32 -2.59 -27.34
CA THR A 74 -9.07 -1.70 -28.20
C THR A 74 -10.49 -2.22 -28.36
N ILE A 75 -11.45 -1.34 -28.15
CA ILE A 75 -12.85 -1.61 -28.45
C ILE A 75 -13.18 -0.80 -29.69
N SER A 76 -13.56 -1.49 -30.77
CA SER A 76 -13.72 -0.84 -32.07
C SER A 76 -15.01 -0.04 -32.15
N SER A 77 -16.11 -0.61 -31.68
CA SER A 77 -17.42 0.05 -31.68
C SER A 77 -18.02 -0.08 -30.27
N LEU A 78 -17.88 0.97 -29.47
CA LEU A 78 -18.32 0.90 -28.08
C LEU A 78 -19.84 0.73 -28.02
N GLN A 79 -20.29 -0.20 -27.18
CA GLN A 79 -21.69 -0.54 -27.02
C GLN A 79 -22.17 -0.19 -25.60
N PRO A 80 -23.47 0.03 -25.41
CA PRO A 80 -23.96 0.40 -24.07
C PRO A 80 -23.65 -0.63 -23.01
N GLU A 81 -23.62 -1.91 -23.37
CA GLU A 81 -23.31 -2.97 -22.42
C GLU A 81 -21.82 -3.08 -22.12
N ASP A 82 -20.99 -2.18 -22.65
CA ASP A 82 -19.55 -2.23 -22.38
C ASP A 82 -19.13 -1.37 -21.19
N PHE A 83 -20.06 -0.66 -20.56
CA PHE A 83 -19.77 0.05 -19.32
C PHE A 83 -19.17 -0.91 -18.30
N ALA A 84 -17.94 -0.63 -17.87
CA ALA A 84 -17.28 -1.61 -17.00
C ALA A 84 -15.93 -1.05 -16.58
N THR A 85 -15.26 -1.77 -15.70
CA THR A 85 -13.88 -1.48 -15.38
C THR A 85 -12.99 -2.55 -16.02
N TYR A 86 -11.92 -2.12 -16.68
CA TYR A 86 -11.05 -3.01 -17.42
C TYR A 86 -9.70 -3.08 -16.73
N TYR A 87 -9.18 -4.30 -16.58
CA TYR A 87 -7.89 -4.51 -15.93
C TYR A 87 -6.97 -5.29 -16.84
N CYS A 88 -5.69 -4.96 -16.80
CA CYS A 88 -4.68 -5.83 -17.38
C CYS A 88 -4.02 -6.65 -16.28
N LEU A 89 -3.54 -7.82 -16.67
CA LEU A 89 -2.85 -8.73 -15.77
C LEU A 89 -1.57 -9.19 -16.46
N GLY A 90 -0.44 -8.84 -15.88
CA GLY A 90 0.85 -9.24 -16.40
C GLY A 90 1.46 -10.29 -15.48
N ILE A 91 1.96 -11.36 -16.10
CA ILE A 91 2.61 -12.44 -15.38
C ILE A 91 4.02 -12.55 -15.92
N TYR A 92 4.99 -12.23 -15.08
CA TYR A 92 6.40 -12.36 -15.45
C TYR A 92 6.84 -13.79 -15.24
N GLY A 93 7.39 -14.40 -16.28
CA GLY A 93 7.80 -15.79 -16.22
C GLY A 93 6.64 -16.68 -15.80
N ASP A 94 6.90 -17.49 -14.77
CA ASP A 94 5.88 -18.38 -14.20
C ASP A 94 5.27 -17.80 -12.92
N GLY A 95 5.25 -16.47 -12.79
CA GLY A 95 4.58 -15.83 -11.68
C GLY A 95 5.02 -16.25 -10.29
N ALA A 96 6.28 -16.06 -9.97
CA ALA A 96 6.79 -16.30 -8.63
C ALA A 96 6.56 -15.03 -7.79
N ASP A 97 7.24 -14.90 -6.66
CA ASP A 97 7.03 -13.79 -5.75
C ASP A 97 7.06 -12.46 -6.48
N ASP A 98 5.96 -11.70 -6.36
CA ASP A 98 5.76 -10.43 -7.08
C ASP A 98 5.86 -10.59 -8.59
N GLY A 99 5.56 -11.78 -9.10
CA GLY A 99 5.59 -12.04 -10.52
C GLY A 99 4.27 -11.90 -11.23
N ILE A 100 3.22 -11.51 -10.52
CA ILE A 100 1.88 -11.34 -11.09
C ILE A 100 1.34 -9.99 -10.62
N ALA A 101 0.90 -9.17 -11.57
CA ALA A 101 0.48 -7.84 -11.20
C ALA A 101 -0.70 -7.42 -12.07
N PHE A 102 -1.76 -6.95 -11.42
CA PHE A 102 -2.85 -6.31 -12.14
C PHE A 102 -2.52 -4.83 -12.36
N GLY A 103 -2.98 -4.30 -13.49
CA GLY A 103 -2.95 -2.88 -13.69
C GLY A 103 -4.01 -2.19 -12.86
N GLY A 104 -3.91 -0.86 -12.78
CA GLY A 104 -4.79 -0.09 -11.92
C GLY A 104 -6.24 -0.09 -12.34
N GLY A 105 -6.54 -0.43 -13.58
CA GLY A 105 -7.91 -0.42 -14.02
C GLY A 105 -8.29 0.84 -14.79
N THR A 106 -9.34 0.73 -15.59
CA THR A 106 -9.85 1.84 -16.37
C THR A 106 -11.38 1.76 -16.36
N LYS A 107 -12.02 2.77 -15.78
CA LYS A 107 -13.47 2.84 -15.82
C LYS A 107 -13.92 3.38 -17.18
N VAL A 108 -14.85 2.68 -17.81
CA VAL A 108 -15.37 3.02 -19.13
C VAL A 108 -16.86 3.28 -19.00
N GLU A 109 -17.26 4.54 -19.23
CA GLU A 109 -18.64 5.01 -19.18
C GLU A 109 -19.08 5.43 -20.57
N ILE A 110 -20.33 5.12 -20.92
CA ILE A 110 -20.87 5.47 -22.23
C ILE A 110 -21.41 6.90 -22.19
N LYS A 111 -21.01 7.71 -23.16
CA LYS A 111 -21.52 9.08 -23.32
C LYS A 111 -22.77 9.03 -24.17
N ARG A 112 -23.91 9.38 -23.58
CA ARG A 112 -25.18 9.43 -24.30
C ARG A 112 -25.73 10.85 -24.26
N THR A 113 -26.95 11.01 -24.75
CA THR A 113 -27.59 12.32 -24.74
C THR A 113 -28.01 12.71 -23.33
N VAL A 114 -28.06 14.03 -23.08
CA VAL A 114 -28.44 14.54 -21.77
C VAL A 114 -29.88 14.15 -21.46
N ALA A 115 -30.11 13.62 -20.26
CA ALA A 115 -31.43 13.21 -19.81
C ALA A 115 -31.72 13.88 -18.47
N ALA A 116 -32.89 14.49 -18.35
CA ALA A 116 -33.27 15.10 -17.09
C ALA A 116 -33.80 14.04 -16.13
N PRO A 117 -33.46 14.13 -14.85
CA PRO A 117 -33.89 13.10 -13.90
C PRO A 117 -35.36 13.24 -13.56
N SER A 118 -35.96 12.12 -13.17
CA SER A 118 -37.27 12.13 -12.53
C SER A 118 -37.07 12.23 -11.03
N VAL A 119 -37.59 13.28 -10.41
CA VAL A 119 -37.29 13.59 -9.01
C VAL A 119 -38.52 13.28 -8.16
N PHE A 120 -38.35 12.38 -7.21
CA PHE A 120 -39.39 12.04 -6.24
C PHE A 120 -38.87 12.35 -4.85
N ILE A 121 -39.77 12.72 -3.95
CA ILE A 121 -39.41 13.01 -2.56
C ILE A 121 -40.31 12.22 -1.63
N PHE A 122 -39.71 11.51 -0.68
CA PHE A 122 -40.40 10.67 0.29
C PHE A 122 -40.24 11.27 1.68
N PRO A 123 -41.33 11.64 2.35
CA PRO A 123 -41.24 12.04 3.75
C PRO A 123 -40.95 10.83 4.62
N PRO A 124 -40.51 11.03 5.85
CA PRO A 124 -40.26 9.88 6.73
C PRO A 124 -41.56 9.16 7.04
N SER A 125 -41.43 7.85 7.27
CA SER A 125 -42.55 7.04 7.66
C SER A 125 -42.86 7.25 9.15
N ASP A 126 -44.09 6.88 9.54
CA ASP A 126 -44.46 7.01 10.94
C ASP A 126 -43.70 6.03 11.81
N GLU A 127 -43.39 4.84 11.29
CA GLU A 127 -42.61 3.88 12.07
C GLU A 127 -41.27 4.48 12.50
N GLN A 128 -40.52 5.02 11.54
CA GLN A 128 -39.24 5.64 11.87
C GLN A 128 -39.42 6.84 12.79
N LEU A 129 -40.51 7.59 12.62
CA LEU A 129 -40.77 8.72 13.50
C LEU A 129 -41.00 8.26 14.93
N LYS A 130 -41.72 7.15 15.12
CA LYS A 130 -41.84 6.53 16.42
C LYS A 130 -40.47 6.17 16.98
N SER A 131 -39.60 5.60 16.14
CA SER A 131 -38.23 5.33 16.57
C SER A 131 -37.54 6.58 17.12
N GLY A 132 -37.97 7.76 16.69
CA GLY A 132 -37.38 9.01 17.12
C GLY A 132 -36.40 9.64 16.15
N THR A 133 -36.33 9.15 14.92
CA THR A 133 -35.46 9.71 13.90
C THR A 133 -36.28 9.92 12.62
N ALA A 134 -35.87 10.90 11.81
CA ALA A 134 -36.60 11.27 10.61
C ALA A 134 -35.66 11.25 9.42
N SER A 135 -35.90 10.35 8.48
CA SER A 135 -35.15 10.28 7.23
C SER A 135 -36.05 10.69 6.08
N VAL A 136 -35.69 11.74 5.37
CA VAL A 136 -36.39 12.18 4.17
C VAL A 136 -35.52 11.89 2.96
N VAL A 137 -36.11 11.29 1.92
CA VAL A 137 -35.35 10.69 0.82
C VAL A 137 -35.70 11.37 -0.50
N CYS A 138 -34.68 11.76 -1.24
CA CYS A 138 -34.81 12.36 -2.56
C CYS A 138 -34.27 11.37 -3.57
N LEU A 139 -35.09 11.00 -4.55
CA LEU A 139 -34.70 10.05 -5.58
C LEU A 139 -34.65 10.75 -6.93
N LEU A 140 -33.54 10.58 -7.64
CA LEU A 140 -33.32 11.09 -9.00
C LEU A 140 -33.17 9.88 -9.91
N ASN A 141 -34.10 9.71 -10.84
CA ASN A 141 -34.17 8.50 -11.65
C ASN A 141 -33.78 8.79 -13.09
N ASN A 142 -32.86 7.97 -13.62
CA ASN A 142 -32.59 7.82 -15.04
C ASN A 142 -32.23 9.14 -15.75
N PHE A 143 -31.04 9.63 -15.39
CA PHE A 143 -30.52 10.89 -15.92
C PHE A 143 -29.10 10.69 -16.44
N TYR A 144 -28.59 11.73 -17.10
CA TYR A 144 -27.24 11.81 -17.65
C TYR A 144 -26.93 13.27 -17.97
N PRO A 145 -25.72 13.75 -17.67
CA PRO A 145 -24.57 12.98 -17.17
C PRO A 145 -24.61 12.68 -15.68
N ARG A 146 -23.49 12.13 -15.21
CA ARG A 146 -23.45 11.62 -13.85
C ARG A 146 -23.49 12.76 -12.84
N GLU A 147 -22.72 13.81 -13.07
CA GLU A 147 -22.58 14.88 -12.08
C GLU A 147 -23.89 15.62 -11.89
N ALA A 148 -24.24 15.85 -10.62
CA ALA A 148 -25.46 16.57 -10.26
C ALA A 148 -25.33 17.03 -8.81
N LYS A 149 -25.58 18.31 -8.57
CA LYS A 149 -25.56 18.87 -7.22
C LYS A 149 -26.92 18.68 -6.57
N VAL A 150 -26.94 18.07 -5.38
CA VAL A 150 -28.16 17.86 -4.61
C VAL A 150 -28.03 18.59 -3.29
N GLN A 151 -28.98 19.47 -3.00
CA GLN A 151 -29.00 20.23 -1.76
C GLN A 151 -30.36 20.12 -1.09
N TRP A 152 -30.36 20.18 0.22
CA TRP A 152 -31.57 20.11 1.01
C TRP A 152 -31.86 21.48 1.60
N LYS A 153 -33.13 21.88 1.55
CA LYS A 153 -33.59 23.12 2.16
C LYS A 153 -34.79 22.81 3.02
N VAL A 154 -34.73 23.15 4.30
CA VAL A 154 -35.87 23.00 5.20
C VAL A 154 -36.23 24.38 5.72
N ASP A 155 -37.42 24.86 5.37
CA ASP A 155 -37.85 26.23 5.64
C ASP A 155 -36.81 27.25 5.19
N ASN A 156 -36.35 27.08 3.94
CA ASN A 156 -35.40 28.00 3.31
C ASN A 156 -34.09 28.10 4.08
N ALA A 157 -33.72 27.05 4.82
CA ALA A 157 -32.43 26.97 5.49
C ALA A 157 -31.66 25.82 4.85
N LEU A 158 -30.57 26.15 4.17
CA LEU A 158 -29.77 25.13 3.51
C LEU A 158 -29.17 24.20 4.55
N GLN A 159 -29.24 22.91 4.27
CA GLN A 159 -28.72 21.91 5.20
C GLN A 159 -27.27 21.58 4.86
N SER A 160 -26.51 21.23 5.89
CA SER A 160 -25.12 20.89 5.71
C SER A 160 -24.75 19.86 6.77
N GLY A 161 -24.16 18.74 6.33
CA GLY A 161 -23.62 17.76 7.24
C GLY A 161 -24.61 16.73 7.74
N ASN A 162 -25.87 16.80 7.32
CA ASN A 162 -26.87 15.83 7.74
C ASN A 162 -27.56 15.15 6.56
N SER A 163 -26.86 15.02 5.42
CA SER A 163 -27.39 14.27 4.29
C SER A 163 -26.25 13.51 3.63
N GLN A 164 -26.61 12.42 2.95
CA GLN A 164 -25.66 11.61 2.21
C GLN A 164 -26.24 11.19 0.88
N GLU A 165 -25.37 10.99 -0.10
CA GLU A 165 -25.77 10.65 -1.45
C GLU A 165 -25.17 9.31 -1.87
N SER A 166 -25.87 8.63 -2.77
CA SER A 166 -25.43 7.37 -3.32
C SER A 166 -25.90 7.30 -4.75
N VAL A 167 -25.03 6.86 -5.66
CA VAL A 167 -25.35 6.81 -7.08
C VAL A 167 -25.15 5.39 -7.60
N THR A 168 -26.10 4.93 -8.40
CA THR A 168 -25.99 3.61 -9.03
C THR A 168 -24.89 3.62 -10.10
N GLU A 169 -24.51 2.43 -10.53
CA GLU A 169 -23.68 2.35 -11.71
C GLU A 169 -24.52 2.61 -12.95
N GLN A 170 -23.83 2.86 -14.07
CA GLN A 170 -24.53 3.21 -15.29
C GLN A 170 -25.38 2.04 -15.79
N ASP A 171 -26.63 2.34 -16.11
CA ASP A 171 -27.55 1.32 -16.63
C ASP A 171 -27.01 0.75 -17.94
N SER A 172 -26.87 -0.58 -18.00
CA SER A 172 -26.28 -1.24 -19.15
C SER A 172 -27.17 -1.21 -20.39
N LYS A 173 -28.43 -0.80 -20.26
CA LYS A 173 -29.32 -0.71 -21.41
C LYS A 173 -29.33 0.70 -22.01
N ASP A 174 -29.69 1.70 -21.21
CA ASP A 174 -29.88 3.05 -21.70
C ASP A 174 -28.83 4.05 -21.20
N SER A 175 -27.83 3.59 -20.44
CA SER A 175 -26.68 4.41 -20.07
C SER A 175 -27.05 5.56 -19.14
N THR A 176 -28.13 5.44 -18.38
CA THR A 176 -28.51 6.48 -17.43
C THR A 176 -28.10 6.09 -16.02
N TYR A 177 -28.08 7.09 -15.14
CA TYR A 177 -27.76 6.94 -13.74
C TYR A 177 -28.99 7.22 -12.88
N SER A 178 -28.93 6.73 -11.65
CA SER A 178 -29.89 7.09 -10.61
C SER A 178 -29.13 7.47 -9.35
N LEU A 179 -29.72 8.38 -8.58
CA LEU A 179 -29.09 8.88 -7.37
C LEU A 179 -30.13 8.95 -6.26
N SER A 180 -29.70 8.70 -5.03
CA SER A 180 -30.55 8.89 -3.86
C SER A 180 -29.81 9.76 -2.86
N SER A 181 -30.54 10.68 -2.25
CA SER A 181 -30.01 11.54 -1.20
C SER A 181 -30.89 11.39 0.02
N THR A 182 -30.28 11.21 1.18
CA THR A 182 -31.01 10.99 2.42
C THR A 182 -30.61 12.06 3.42
N LEU A 183 -31.61 12.76 3.96
CA LEU A 183 -31.43 13.76 5.01
C LEU A 183 -32.02 13.22 6.30
N THR A 184 -31.21 13.19 7.36
CA THR A 184 -31.64 12.62 8.64
C THR A 184 -31.60 13.67 9.74
N LEU A 185 -32.72 13.80 10.46
CA LEU A 185 -32.87 14.68 11.60
C LEU A 185 -33.40 13.87 12.77
N SER A 186 -33.39 14.50 13.94
CA SER A 186 -34.15 13.96 15.06
C SER A 186 -35.65 14.21 14.81
N LYS A 187 -36.48 13.44 15.51
CA LYS A 187 -37.92 13.66 15.42
C LYS A 187 -38.29 15.07 15.85
N ALA A 188 -37.64 15.59 16.90
CA ALA A 188 -37.95 16.93 17.37
C ALA A 188 -37.66 17.97 16.29
N ASP A 189 -36.45 17.91 15.71
CA ASP A 189 -36.10 18.83 14.62
C ASP A 189 -37.11 18.73 13.49
N TYR A 190 -37.45 17.50 13.09
CA TYR A 190 -38.38 17.32 11.97
C TYR A 190 -39.73 17.97 12.27
N GLU A 191 -40.20 17.87 13.51
CA GLU A 191 -41.46 18.48 13.87
C GLU A 191 -41.35 19.99 14.12
N LYS A 192 -40.13 20.53 14.17
CA LYS A 192 -39.97 21.99 14.29
C LYS A 192 -40.08 22.74 12.98
N HIS A 193 -40.34 22.06 11.86
CA HIS A 193 -40.26 22.70 10.54
C HIS A 193 -41.37 22.17 9.64
N LYS A 194 -41.67 22.96 8.60
CA LYS A 194 -42.83 22.71 7.74
C LYS A 194 -42.43 22.26 6.34
N VAL A 195 -41.67 23.06 5.61
CA VAL A 195 -41.41 22.82 4.20
C VAL A 195 -40.07 22.12 4.05
N TYR A 196 -40.06 20.99 3.34
CA TYR A 196 -38.86 20.22 3.07
C TYR A 196 -38.68 20.12 1.57
N ALA A 197 -37.46 20.36 1.08
CA ALA A 197 -37.22 20.38 -0.36
C ALA A 197 -35.79 19.94 -0.68
N CYS A 198 -35.65 19.15 -1.74
CA CYS A 198 -34.36 18.86 -2.33
C CYS A 198 -34.29 19.50 -3.70
N GLU A 199 -33.14 20.14 -3.96
CA GLU A 199 -32.90 20.89 -5.19
C GLU A 199 -31.77 20.21 -5.95
N VAL A 200 -32.06 19.84 -7.19
CA VAL A 200 -31.13 19.16 -8.09
C VAL A 200 -30.66 20.17 -9.12
N THR A 201 -29.35 20.23 -9.36
CA THR A 201 -28.80 21.13 -10.36
C THR A 201 -27.91 20.34 -11.31
N GLN A 202 -28.13 20.52 -12.61
CA GLN A 202 -27.16 20.04 -13.57
C GLN A 202 -27.13 21.00 -14.75
N GLY A 203 -25.93 21.38 -15.15
CA GLY A 203 -25.79 22.37 -16.20
C GLY A 203 -26.47 23.67 -15.81
N THR A 204 -27.37 24.13 -16.68
CA THR A 204 -28.10 25.36 -16.49
C THR A 204 -29.45 25.16 -15.81
N THR A 205 -29.75 23.94 -15.36
CA THR A 205 -31.08 23.62 -14.88
C THR A 205 -31.04 23.33 -13.39
N SER A 206 -32.06 23.79 -12.68
CA SER A 206 -32.33 23.44 -11.29
C SER A 206 -33.78 23.01 -11.17
N VAL A 207 -34.01 21.88 -10.51
CA VAL A 207 -35.34 21.35 -10.22
C VAL A 207 -35.47 21.19 -8.72
N THR A 208 -36.55 21.70 -8.15
CA THR A 208 -36.74 21.65 -6.71
C THR A 208 -38.04 20.94 -6.37
N LYS A 209 -37.94 19.83 -5.64
CA LYS A 209 -39.09 19.05 -5.22
C LYS A 209 -39.28 19.21 -3.72
N SER A 210 -40.52 19.41 -3.29
CA SER A 210 -40.80 19.76 -1.90
C SER A 210 -42.08 19.10 -1.41
N PHE A 211 -42.30 19.20 -0.11
CA PHE A 211 -43.55 18.84 0.53
C PHE A 211 -43.71 19.65 1.82
N ASN A 212 -44.95 19.88 2.23
CA ASN A 212 -45.24 20.62 3.47
C ASN A 212 -45.83 19.66 4.48
N ARG A 213 -45.19 19.54 5.64
CA ARG A 213 -45.65 18.63 6.71
C ARG A 213 -47.12 18.89 7.01
N GLY A 214 -47.88 17.83 7.26
CA GLY A 214 -49.32 17.98 7.48
C GLY A 214 -50.30 18.56 6.50
N GLU A 215 -49.87 18.73 5.25
CA GLU A 215 -50.43 19.67 4.24
C GLU A 215 -50.14 19.10 2.85
N GLU B 1 -19.72 -26.67 -16.17
CA GLU B 1 -20.25 -27.10 -14.89
C GLU B 1 -19.23 -26.92 -13.76
N VAL B 2 -18.00 -26.55 -14.11
CA VAL B 2 -17.00 -26.29 -13.09
C VAL B 2 -17.33 -24.98 -12.39
N GLN B 3 -17.07 -24.93 -11.08
CA GLN B 3 -17.31 -23.71 -10.32
C GLN B 3 -16.42 -23.68 -9.10
N LEU B 4 -16.18 -22.46 -8.62
CA LEU B 4 -15.43 -22.20 -7.40
C LEU B 4 -16.35 -21.50 -6.41
N VAL B 5 -16.49 -22.06 -5.21
CA VAL B 5 -17.38 -21.50 -4.20
C VAL B 5 -16.56 -21.19 -2.95
N GLU B 6 -16.38 -19.91 -2.66
CA GLU B 6 -15.65 -19.55 -1.45
C GLU B 6 -16.61 -19.35 -0.27
N SER B 7 -16.06 -19.54 0.92
CA SER B 7 -16.79 -19.32 2.15
C SER B 7 -15.79 -18.96 3.24
N GLY B 8 -16.30 -18.72 4.43
CA GLY B 8 -15.57 -17.96 5.41
C GLY B 8 -15.81 -16.50 5.12
N GLY B 9 -15.02 -15.66 5.76
CA GLY B 9 -15.19 -14.24 5.54
C GLY B 9 -16.41 -13.71 6.24
N GLY B 10 -16.33 -12.47 6.68
CA GLY B 10 -17.30 -11.89 7.57
C GLY B 10 -16.61 -10.88 8.47
N LEU B 11 -17.25 -10.61 9.60
CA LEU B 11 -16.71 -9.64 10.55
C LEU B 11 -15.62 -10.30 11.37
N VAL B 12 -14.43 -9.70 11.38
CA VAL B 12 -13.32 -10.20 12.17
C VAL B 12 -12.65 -9.00 12.85
N GLN B 13 -12.31 -9.16 14.12
CA GLN B 13 -11.70 -8.06 14.85
C GLN B 13 -10.25 -7.85 14.42
N PRO B 14 -9.78 -6.60 14.45
CA PRO B 14 -8.38 -6.31 14.13
C PRO B 14 -7.45 -7.15 14.98
N GLY B 15 -6.38 -7.66 14.34
CA GLY B 15 -5.46 -8.56 14.98
C GLY B 15 -5.87 -10.02 14.96
N GLY B 16 -7.14 -10.31 14.72
CA GLY B 16 -7.61 -11.69 14.71
C GLY B 16 -7.23 -12.47 13.47
N SER B 17 -7.63 -13.72 13.46
CA SER B 17 -7.34 -14.64 12.36
C SER B 17 -8.62 -15.10 11.69
N LEU B 18 -8.46 -15.54 10.45
CA LEU B 18 -9.59 -16.01 9.66
C LEU B 18 -9.07 -17.03 8.67
N ARG B 19 -9.93 -17.99 8.30
CA ARG B 19 -9.57 -18.92 7.25
C ARG B 19 -10.65 -18.90 6.19
N LEU B 20 -10.31 -18.45 4.99
CA LEU B 20 -11.18 -18.55 3.84
C LEU B 20 -10.99 -19.90 3.18
N SER B 21 -12.08 -20.48 2.70
CA SER B 21 -12.00 -21.75 1.99
C SER B 21 -12.68 -21.59 0.65
N CYS B 22 -12.33 -22.48 -0.27
CA CYS B 22 -12.84 -22.41 -1.64
C CYS B 22 -12.98 -23.84 -2.15
N ALA B 23 -14.22 -24.29 -2.32
CA ALA B 23 -14.50 -25.61 -2.83
C ALA B 23 -14.56 -25.58 -4.34
N ALA B 24 -13.73 -26.41 -4.98
CA ALA B 24 -13.77 -26.58 -6.42
C ALA B 24 -14.74 -27.71 -6.75
N SER B 25 -15.65 -27.45 -7.68
CA SER B 25 -16.65 -28.43 -8.06
C SER B 25 -16.53 -28.66 -9.56
N GLY B 26 -16.29 -29.91 -9.94
CA GLY B 26 -16.26 -30.31 -11.33
C GLY B 26 -14.89 -30.49 -11.94
N PHE B 27 -13.81 -30.22 -11.21
CA PHE B 27 -12.48 -30.40 -11.77
C PHE B 27 -11.50 -30.72 -10.67
N SER B 28 -10.30 -31.12 -11.09
CA SER B 28 -9.26 -31.58 -10.17
C SER B 28 -8.44 -30.37 -9.73
N LEU B 29 -8.68 -29.92 -8.49
CA LEU B 29 -8.09 -28.68 -8.00
C LEU B 29 -6.58 -28.70 -8.01
N SER B 30 -5.97 -29.82 -7.64
CA SER B 30 -4.52 -29.86 -7.45
C SER B 30 -3.73 -29.82 -8.76
N SER B 31 -4.39 -29.84 -9.92
CA SER B 31 -3.69 -29.82 -11.19
C SER B 31 -3.77 -28.46 -11.88
N TYR B 32 -4.11 -27.42 -11.14
CA TYR B 32 -4.09 -26.06 -11.65
C TYR B 32 -3.31 -25.17 -10.70
N TYR B 33 -2.81 -24.06 -11.24
CA TYR B 33 -2.34 -22.96 -10.40
C TYR B 33 -3.54 -22.24 -9.83
N MET B 34 -3.65 -22.18 -8.51
CA MET B 34 -4.79 -21.55 -7.86
C MET B 34 -4.33 -20.32 -7.10
N THR B 35 -5.11 -19.26 -7.16
CA THR B 35 -4.69 -17.95 -6.69
C THR B 35 -5.82 -17.32 -5.89
N TRP B 36 -5.42 -16.43 -4.98
CA TRP B 36 -6.33 -15.53 -4.30
C TRP B 36 -6.05 -14.12 -4.80
N VAL B 37 -7.11 -13.42 -5.19
CA VAL B 37 -7.08 -12.03 -5.64
C VAL B 37 -8.07 -11.24 -4.80
N ARG B 38 -7.66 -10.07 -4.32
CA ARG B 38 -8.56 -9.29 -3.48
C ARG B 38 -8.87 -7.93 -4.10
N GLN B 39 -9.99 -7.37 -3.67
CA GLN B 39 -10.43 -6.05 -4.12
C GLN B 39 -10.97 -5.28 -2.92
N ALA B 40 -10.21 -4.26 -2.51
CA ALA B 40 -10.66 -3.38 -1.45
C ALA B 40 -11.87 -2.56 -1.94
N PRO B 41 -12.67 -2.04 -1.01
CA PRO B 41 -13.88 -1.31 -1.42
C PRO B 41 -13.53 -0.10 -2.30
N GLY B 42 -14.15 -0.06 -3.48
CA GLY B 42 -13.91 1.03 -4.41
C GLY B 42 -12.51 1.11 -4.96
N LYS B 43 -11.77 0.00 -5.00
CA LYS B 43 -10.42 -0.01 -5.53
C LYS B 43 -10.28 -1.13 -6.56
N GLY B 44 -9.07 -1.30 -7.08
CA GLY B 44 -8.81 -2.24 -8.14
C GLY B 44 -8.46 -3.63 -7.64
N LEU B 45 -8.26 -4.54 -8.59
CA LEU B 45 -7.88 -5.90 -8.27
C LEU B 45 -6.43 -5.96 -7.85
N GLU B 46 -6.15 -6.81 -6.86
CA GLU B 46 -4.82 -6.91 -6.27
C GLU B 46 -4.51 -8.38 -6.07
N TRP B 47 -3.45 -8.87 -6.72
CA TRP B 47 -3.10 -10.27 -6.61
C TRP B 47 -2.48 -10.56 -5.25
N VAL B 48 -2.99 -11.61 -4.59
CA VAL B 48 -2.54 -11.94 -3.23
C VAL B 48 -1.59 -13.12 -3.24
N SER B 49 -1.99 -14.25 -3.82
CA SER B 49 -1.09 -15.41 -3.72
C SER B 49 -1.46 -16.49 -4.71
N VAL B 50 -0.54 -17.44 -4.87
CA VAL B 50 -0.68 -18.56 -5.80
C VAL B 50 -0.05 -19.80 -5.20
N ILE B 51 -0.65 -20.94 -5.50
CA ILE B 51 -0.09 -22.26 -5.20
C ILE B 51 -0.12 -23.08 -6.49
N ASN B 52 1.00 -23.73 -6.81
CA ASN B 52 1.15 -24.46 -8.06
C ASN B 52 0.84 -25.94 -7.84
N VAL B 53 1.04 -26.75 -8.89
CA VAL B 53 0.61 -28.14 -8.86
C VAL B 53 1.44 -28.96 -7.89
N TYR B 54 2.71 -28.58 -7.67
CA TYR B 54 3.55 -29.29 -6.71
C TYR B 54 3.31 -28.85 -5.27
N GLY B 55 2.51 -27.79 -5.06
CA GLY B 55 2.24 -27.28 -3.74
C GLY B 55 3.11 -26.11 -3.29
N GLY B 56 3.95 -25.58 -4.17
CA GLY B 56 4.75 -24.42 -3.81
C GLY B 56 3.91 -23.16 -3.76
N THR B 57 4.22 -22.30 -2.80
CA THR B 57 3.45 -21.11 -2.52
C THR B 57 4.25 -19.87 -2.93
N TYR B 58 3.57 -18.89 -3.52
CA TYR B 58 4.21 -17.64 -3.92
C TYR B 58 3.24 -16.50 -3.63
N TYR B 59 3.79 -15.36 -3.25
CA TYR B 59 3.01 -14.29 -2.66
C TYR B 59 3.40 -12.93 -3.23
N ALA B 60 2.50 -11.97 -3.11
CA ALA B 60 2.88 -10.57 -3.20
C ALA B 60 3.63 -10.18 -1.92
N SER B 61 4.61 -9.28 -2.07
CA SER B 61 5.47 -8.91 -0.94
C SER B 61 4.68 -8.52 0.29
N TRP B 62 3.70 -7.63 0.13
CA TRP B 62 2.93 -7.17 1.28
C TRP B 62 2.15 -8.28 1.96
N ALA B 63 1.85 -9.37 1.25
CA ALA B 63 1.01 -10.42 1.81
C ALA B 63 1.78 -11.55 2.45
N LYS B 64 3.09 -11.65 2.18
CA LYS B 64 3.84 -12.84 2.57
C LYS B 64 3.90 -13.02 4.08
N GLY B 65 3.91 -11.92 4.84
CA GLY B 65 4.09 -12.02 6.27
C GLY B 65 2.90 -12.59 7.01
N ARG B 66 1.69 -12.29 6.55
CA ARG B 66 0.49 -12.58 7.33
C ARG B 66 -0.49 -13.51 6.64
N PHE B 67 -0.33 -13.76 5.34
CA PHE B 67 -1.23 -14.62 4.58
C PHE B 67 -0.52 -15.92 4.23
N THR B 68 -1.27 -17.02 4.26
CA THR B 68 -0.75 -18.32 3.86
C THR B 68 -1.78 -19.03 2.98
N ILE B 69 -1.40 -19.36 1.77
CA ILE B 69 -2.25 -20.15 0.89
C ILE B 69 -1.92 -21.62 1.06
N SER B 70 -2.94 -22.48 0.94
CA SER B 70 -2.74 -23.92 1.04
C SER B 70 -3.91 -24.63 0.38
N ARG B 71 -3.82 -25.96 0.29
CA ARG B 71 -4.95 -26.72 -0.23
C ARG B 71 -4.99 -28.10 0.40
N ASP B 72 -6.21 -28.61 0.57
CA ASP B 72 -6.46 -29.98 0.99
C ASP B 72 -6.92 -30.77 -0.24
N ASN B 73 -6.07 -31.70 -0.69
CA ASN B 73 -6.39 -32.55 -1.82
C ASN B 73 -7.48 -33.56 -1.49
N SER B 74 -7.53 -34.02 -0.23
CA SER B 74 -8.58 -34.96 0.15
C SER B 74 -9.96 -34.31 0.23
N LYS B 75 -10.04 -32.99 0.17
CA LYS B 75 -11.31 -32.29 0.15
C LYS B 75 -11.55 -31.49 -1.13
N ASN B 76 -10.57 -31.47 -2.04
CA ASN B 76 -10.62 -30.67 -3.27
C ASN B 76 -10.83 -29.19 -2.95
N THR B 77 -10.16 -28.70 -1.90
CA THR B 77 -10.47 -27.38 -1.37
C THR B 77 -9.21 -26.54 -1.22
N LEU B 78 -9.30 -25.26 -1.60
CA LEU B 78 -8.25 -24.28 -1.41
C LEU B 78 -8.51 -23.45 -0.15
N TYR B 79 -7.44 -22.98 0.49
CA TYR B 79 -7.57 -22.21 1.73
C TYR B 79 -6.65 -20.99 1.69
N LEU B 80 -7.14 -19.91 2.29
CA LEU B 80 -6.34 -18.71 2.56
C LEU B 80 -6.44 -18.41 4.05
N GLN B 81 -5.34 -18.63 4.78
CA GLN B 81 -5.26 -18.31 6.19
C GLN B 81 -4.74 -16.89 6.35
N MET B 82 -5.45 -16.07 7.11
CA MET B 82 -5.12 -14.67 7.34
C MET B 82 -4.91 -14.46 8.83
N ASN B 83 -3.68 -14.09 9.20
CA ASN B 83 -3.31 -13.81 10.58
C ASN B 83 -3.06 -12.33 10.77
N SER B 84 -3.23 -11.87 12.00
CA SER B 84 -2.99 -10.48 12.39
C SER B 84 -3.60 -9.51 11.38
N LEU B 85 -4.91 -9.62 11.22
CA LEU B 85 -5.62 -8.87 10.20
C LEU B 85 -5.63 -7.38 10.50
N ARG B 86 -5.54 -6.59 9.45
CA ARG B 86 -5.54 -5.13 9.51
C ARG B 86 -6.83 -4.60 8.92
N ALA B 87 -7.23 -3.41 9.37
CA ALA B 87 -8.40 -2.77 8.78
C ALA B 87 -8.22 -2.60 7.27
N GLU B 88 -6.98 -2.38 6.83
CA GLU B 88 -6.66 -2.27 5.41
C GLU B 88 -6.83 -3.59 4.68
N ASP B 89 -6.99 -4.71 5.38
CA ASP B 89 -7.25 -5.98 4.72
C ASP B 89 -8.71 -6.16 4.36
N THR B 90 -9.60 -5.28 4.83
CA THR B 90 -11.00 -5.34 4.47
C THR B 90 -11.17 -5.29 2.97
N ALA B 91 -11.77 -6.34 2.39
CA ALA B 91 -11.84 -6.45 0.94
C ALA B 91 -12.73 -7.63 0.58
N VAL B 92 -13.11 -7.69 -0.69
CA VAL B 92 -13.67 -8.91 -1.26
C VAL B 92 -12.50 -9.81 -1.68
N TYR B 93 -12.55 -11.07 -1.27
CA TYR B 93 -11.53 -12.04 -1.61
C TYR B 93 -12.10 -13.06 -2.60
N TYR B 94 -11.44 -13.18 -3.74
CA TYR B 94 -11.81 -14.07 -4.84
C TYR B 94 -10.85 -15.24 -4.92
N CYS B 95 -11.42 -16.43 -4.99
CA CYS B 95 -10.76 -17.60 -5.51
C CYS B 95 -10.64 -17.48 -7.03
N ALA B 96 -9.48 -17.83 -7.59
CA ALA B 96 -9.30 -17.71 -9.03
C ALA B 96 -8.36 -18.79 -9.55
N ARG B 97 -8.74 -19.39 -10.67
CA ARG B 97 -7.95 -20.46 -11.30
C ARG B 97 -7.14 -19.88 -12.45
N GLU B 98 -5.83 -20.12 -12.41
CA GLU B 98 -4.91 -19.71 -13.47
C GLU B 98 -4.62 -20.90 -14.38
N ASP B 99 -4.86 -20.73 -15.66
CA ASP B 99 -4.55 -21.77 -16.64
C ASP B 99 -3.13 -21.52 -17.15
N VAL B 100 -2.22 -22.44 -16.83
CA VAL B 100 -0.85 -22.36 -17.34
C VAL B 100 -0.63 -23.16 -18.61
N ALA B 101 -1.55 -24.04 -18.97
CA ALA B 101 -1.35 -24.87 -20.16
C ALA B 101 -1.26 -24.00 -21.40
N VAL B 102 -2.21 -23.09 -21.59
CA VAL B 102 -2.29 -22.29 -22.81
C VAL B 102 -2.33 -20.80 -22.48
N TYR B 103 -3.32 -20.41 -21.67
CA TYR B 103 -3.65 -19.00 -21.50
C TYR B 103 -2.54 -18.22 -20.82
N MET B 104 -1.95 -18.79 -19.77
CA MET B 104 -1.15 -18.03 -18.81
C MET B 104 -1.94 -16.83 -18.30
N ALA B 105 -3.21 -17.10 -17.97
CA ALA B 105 -4.14 -16.07 -17.51
C ALA B 105 -5.13 -16.74 -16.56
N ILE B 106 -6.02 -15.92 -16.00
CA ILE B 106 -7.05 -16.42 -15.07
C ILE B 106 -8.31 -16.70 -15.85
N ASP B 107 -8.81 -17.93 -15.77
CA ASP B 107 -9.94 -18.34 -16.58
C ASP B 107 -11.19 -18.72 -15.78
N LEU B 108 -11.15 -18.67 -14.46
CA LEU B 108 -12.32 -19.07 -13.68
C LEU B 108 -12.25 -18.38 -12.32
N TRP B 109 -13.31 -17.67 -11.96
CA TRP B 109 -13.34 -16.96 -10.69
C TRP B 109 -14.43 -17.52 -9.79
N GLY B 110 -14.23 -17.38 -8.47
CA GLY B 110 -15.29 -17.59 -7.53
C GLY B 110 -16.20 -16.38 -7.44
N GLN B 111 -17.22 -16.48 -6.58
CA GLN B 111 -18.14 -15.35 -6.43
C GLN B 111 -17.62 -14.28 -5.47
N GLY B 112 -16.59 -14.57 -4.69
CA GLY B 112 -16.01 -13.62 -3.73
C GLY B 112 -16.73 -13.67 -2.39
N THR B 113 -15.94 -13.47 -1.33
CA THR B 113 -16.49 -13.28 0.00
C THR B 113 -15.93 -12.00 0.60
N LEU B 114 -16.80 -11.24 1.25
CA LEU B 114 -16.39 -10.00 1.88
C LEU B 114 -15.74 -10.31 3.22
N VAL B 115 -14.58 -9.73 3.47
CA VAL B 115 -13.90 -9.79 4.75
C VAL B 115 -13.87 -8.36 5.31
N THR B 116 -14.53 -8.17 6.44
CA THR B 116 -14.57 -6.89 7.14
C THR B 116 -13.73 -7.01 8.40
N VAL B 117 -12.67 -6.22 8.49
CA VAL B 117 -11.78 -6.23 9.64
C VAL B 117 -12.13 -4.99 10.46
N SER B 118 -12.92 -5.18 11.51
CA SER B 118 -13.38 -4.05 12.29
C SER B 118 -13.64 -4.48 13.72
N SER B 119 -13.61 -3.50 14.62
CA SER B 119 -13.93 -3.75 16.02
C SER B 119 -15.38 -3.42 16.35
N ALA B 120 -16.13 -2.85 15.40
CA ALA B 120 -17.54 -2.59 15.60
C ALA B 120 -18.31 -3.90 15.73
N SER B 121 -19.54 -3.79 16.23
CA SER B 121 -20.36 -4.96 16.51
C SER B 121 -21.39 -5.18 15.42
N THR B 122 -21.72 -6.43 15.20
CA THR B 122 -22.79 -6.78 14.27
C THR B 122 -24.10 -6.16 14.73
N LYS B 123 -24.81 -5.52 13.79
CA LYS B 123 -26.13 -4.99 14.04
C LYS B 123 -27.01 -5.26 12.83
N GLY B 124 -28.21 -5.78 13.08
CA GLY B 124 -29.16 -6.01 12.02
C GLY B 124 -29.86 -4.74 11.60
N PRO B 125 -30.45 -4.72 10.41
CA PRO B 125 -31.00 -3.48 9.87
C PRO B 125 -32.44 -3.20 10.27
N SER B 126 -32.74 -1.90 10.34
CA SER B 126 -34.10 -1.43 10.42
C SER B 126 -34.60 -1.18 9.01
N VAL B 127 -35.83 -1.58 8.73
CA VAL B 127 -36.40 -1.45 7.38
C VAL B 127 -37.66 -0.60 7.49
N PHE B 128 -37.65 0.54 6.80
CA PHE B 128 -38.77 1.45 6.77
C PHE B 128 -39.30 1.56 5.35
N PRO B 129 -40.58 1.91 5.19
CA PRO B 129 -41.15 2.01 3.83
C PRO B 129 -41.08 3.43 3.28
N LEU B 130 -40.75 3.52 1.99
CA LEU B 130 -40.87 4.74 1.21
C LEU B 130 -42.13 4.60 0.35
N ALA B 131 -43.24 5.16 0.80
CA ALA B 131 -44.60 4.98 0.28
C ALA B 131 -44.88 5.94 -0.88
N PRO B 132 -45.58 5.43 -1.92
CA PRO B 132 -45.99 6.30 -3.04
C PRO B 132 -47.36 6.93 -2.84
N SER B 133 -47.91 7.51 -3.93
CA SER B 133 -49.29 8.00 -4.01
C SER B 133 -49.51 9.28 -3.20
N SER B 134 -48.47 10.07 -3.01
CA SER B 134 -48.59 11.32 -2.27
C SER B 134 -47.89 12.27 -3.24
N LYS B 135 -46.57 12.46 -3.00
CA LYS B 135 -45.79 13.40 -3.79
C LYS B 135 -44.75 12.55 -4.50
N SER B 136 -45.08 11.27 -4.68
CA SER B 136 -44.27 10.28 -5.37
C SER B 136 -44.97 9.78 -6.64
N THR B 137 -45.82 10.61 -7.24
CA THR B 137 -46.53 10.26 -8.47
C THR B 137 -46.45 11.44 -9.44
N SER B 138 -45.72 11.26 -10.56
CA SER B 138 -45.60 12.29 -11.59
C SER B 138 -45.78 11.63 -12.96
N GLY B 139 -46.89 11.94 -13.62
CA GLY B 139 -47.18 11.37 -14.93
C GLY B 139 -47.53 9.90 -14.93
N GLY B 140 -48.48 9.49 -14.10
CA GLY B 140 -48.95 8.12 -14.08
C GLY B 140 -47.92 7.10 -13.61
N THR B 141 -46.74 7.58 -13.23
CA THR B 141 -45.67 6.73 -12.72
C THR B 141 -45.44 7.06 -11.25
N ALA B 142 -45.50 6.04 -10.40
CA ALA B 142 -45.19 6.20 -8.99
C ALA B 142 -43.84 5.59 -8.69
N ALA B 143 -43.24 6.04 -7.59
CA ALA B 143 -42.01 5.48 -7.07
C ALA B 143 -42.24 5.04 -5.63
N LEU B 144 -41.70 3.87 -5.27
CA LEU B 144 -41.79 3.37 -3.90
C LEU B 144 -40.50 2.64 -3.58
N GLY B 145 -40.31 2.29 -2.31
CA GLY B 145 -39.09 1.57 -1.96
C GLY B 145 -39.00 1.24 -0.48
N CYS B 146 -37.78 0.82 -0.11
CA CYS B 146 -37.42 0.42 1.25
C CYS B 146 -36.14 1.13 1.67
N LEU B 147 -36.14 1.67 2.88
CA LEU B 147 -34.95 2.25 3.50
C LEU B 147 -34.40 1.26 4.50
N VAL B 148 -33.17 0.79 4.27
CA VAL B 148 -32.50 -0.19 5.11
C VAL B 148 -31.40 0.56 5.86
N LYS B 149 -31.63 0.83 7.14
CA LYS B 149 -30.85 1.80 7.91
C LYS B 149 -30.22 1.13 9.12
N ASP B 150 -28.98 1.53 9.43
CA ASP B 150 -28.32 1.23 10.71
C ASP B 150 -28.00 -0.25 10.88
N TYR B 151 -27.26 -0.81 9.93
CA TYR B 151 -26.79 -2.18 10.02
C TYR B 151 -25.26 -2.25 9.88
N PHE B 152 -24.71 -3.39 10.28
CA PHE B 152 -23.27 -3.62 10.23
C PHE B 152 -23.00 -5.11 10.43
N PRO B 153 -22.06 -5.70 9.67
CA PRO B 153 -21.35 -5.03 8.59
C PRO B 153 -22.04 -5.24 7.26
N GLU B 154 -21.33 -4.92 6.18
CA GLU B 154 -21.78 -5.31 4.87
C GLU B 154 -21.67 -6.83 4.71
N PRO B 155 -22.47 -7.42 3.81
CA PRO B 155 -23.46 -6.78 2.93
C PRO B 155 -24.90 -7.13 3.28
N VAL B 156 -25.83 -6.32 2.76
CA VAL B 156 -27.24 -6.68 2.73
C VAL B 156 -27.61 -6.82 1.26
N THR B 157 -28.55 -7.72 0.98
CA THR B 157 -29.08 -7.89 -0.37
C THR B 157 -30.57 -7.60 -0.34
N VAL B 158 -31.04 -6.89 -1.35
CA VAL B 158 -32.45 -6.51 -1.45
C VAL B 158 -33.01 -7.07 -2.74
N SER B 159 -34.13 -7.79 -2.63
CA SER B 159 -34.90 -8.22 -3.78
C SER B 159 -36.33 -7.72 -3.60
N TRP B 160 -37.11 -7.77 -4.68
CA TRP B 160 -38.50 -7.36 -4.61
C TRP B 160 -39.37 -8.52 -5.05
N ASN B 161 -40.40 -8.82 -4.26
CA ASN B 161 -41.29 -9.95 -4.50
C ASN B 161 -40.51 -11.21 -4.82
N SER B 162 -39.55 -11.53 -3.95
CA SER B 162 -38.75 -12.75 -4.01
C SER B 162 -37.98 -12.88 -5.33
N GLY B 163 -37.69 -11.77 -6.00
CA GLY B 163 -36.97 -11.78 -7.24
C GLY B 163 -37.85 -11.67 -8.47
N ALA B 164 -39.18 -11.71 -8.30
CA ALA B 164 -40.08 -11.62 -9.44
C ALA B 164 -40.03 -10.24 -10.08
N LEU B 165 -39.87 -9.21 -9.27
CA LEU B 165 -39.84 -7.83 -9.74
C LEU B 165 -38.40 -7.37 -9.86
N THR B 166 -37.94 -7.13 -11.09
CA THR B 166 -36.56 -6.74 -11.37
C THR B 166 -36.46 -5.49 -12.23
N SER B 167 -37.37 -5.27 -13.17
CA SER B 167 -37.27 -4.13 -14.06
C SER B 167 -37.66 -2.86 -13.32
N GLY B 168 -36.84 -1.82 -13.45
CA GLY B 168 -37.10 -0.58 -12.78
C GLY B 168 -36.67 -0.52 -11.34
N VAL B 169 -35.98 -1.54 -10.86
CA VAL B 169 -35.50 -1.59 -9.48
C VAL B 169 -34.09 -1.04 -9.43
N HIS B 170 -33.86 -0.09 -8.54
CA HIS B 170 -32.54 0.45 -8.27
C HIS B 170 -32.23 0.23 -6.79
N THR B 171 -31.21 -0.58 -6.50
CA THR B 171 -30.71 -0.73 -5.13
C THR B 171 -29.38 0.01 -5.06
N PHE B 172 -29.36 1.11 -4.31
CA PHE B 172 -28.20 1.98 -4.30
C PHE B 172 -27.10 1.39 -3.42
N PRO B 173 -25.83 1.62 -3.77
CA PRO B 173 -24.75 1.16 -2.90
C PRO B 173 -24.87 1.79 -1.52
N ALA B 174 -24.59 0.98 -0.49
CA ALA B 174 -24.68 1.47 0.87
C ALA B 174 -23.62 2.54 1.11
N VAL B 175 -23.96 3.49 1.98
CA VAL B 175 -23.03 4.53 2.40
C VAL B 175 -22.82 4.39 3.89
N LEU B 176 -21.58 4.56 4.33
CA LEU B 176 -21.26 4.51 5.75
C LEU B 176 -21.67 5.83 6.40
N GLN B 177 -22.54 5.75 7.40
CA GLN B 177 -23.00 6.95 8.09
C GLN B 177 -21.97 7.38 9.13
N SER B 178 -22.14 8.62 9.63
CA SER B 178 -21.22 9.14 10.63
C SER B 178 -21.28 8.32 11.91
N SER B 179 -22.41 7.67 12.18
CA SER B 179 -22.52 6.80 13.35
C SER B 179 -21.67 5.55 13.26
N GLY B 180 -21.05 5.28 12.11
CA GLY B 180 -20.35 4.04 11.87
C GLY B 180 -21.20 2.89 11.37
N LEU B 181 -22.46 3.14 11.04
CA LEU B 181 -23.37 2.12 10.53
C LEU B 181 -23.66 2.35 9.06
N TYR B 182 -24.09 1.31 8.37
CA TYR B 182 -24.40 1.41 6.95
C TYR B 182 -25.88 1.67 6.73
N SER B 183 -26.18 2.30 5.59
CA SER B 183 -27.54 2.61 5.21
C SER B 183 -27.65 2.56 3.70
N LEU B 184 -28.78 2.05 3.20
CA LEU B 184 -29.01 2.02 1.77
C LEU B 184 -30.51 2.17 1.52
N SER B 185 -30.83 2.41 0.25
CA SER B 185 -32.21 2.50 -0.21
C SER B 185 -32.37 1.62 -1.43
N SER B 186 -33.54 1.03 -1.56
CA SER B 186 -33.92 0.29 -2.75
C SER B 186 -35.26 0.85 -3.21
N VAL B 187 -35.35 1.19 -4.50
CA VAL B 187 -36.54 1.82 -5.04
C VAL B 187 -36.98 1.08 -6.28
N VAL B 188 -38.26 1.21 -6.60
CA VAL B 188 -38.81 0.68 -7.84
C VAL B 188 -39.87 1.66 -8.32
N THR B 189 -39.88 1.89 -9.62
CA THR B 189 -40.88 2.72 -10.29
C THR B 189 -41.93 1.83 -10.91
N VAL B 190 -43.20 2.14 -10.64
CA VAL B 190 -44.31 1.30 -11.08
C VAL B 190 -45.36 2.20 -11.74
N PRO B 191 -46.27 1.61 -12.51
CA PRO B 191 -47.43 2.39 -12.97
C PRO B 191 -48.28 2.83 -11.78
N SER B 192 -48.75 4.08 -11.83
CA SER B 192 -49.57 4.58 -10.74
C SER B 192 -50.84 3.75 -10.56
N SER B 193 -51.35 3.18 -11.65
CA SER B 193 -52.54 2.33 -11.59
C SER B 193 -52.27 0.97 -10.97
N SER B 194 -51.00 0.60 -10.76
CA SER B 194 -50.68 -0.70 -10.18
C SER B 194 -50.92 -0.75 -8.67
N LEU B 195 -50.96 0.39 -8.00
CA LEU B 195 -51.23 0.39 -6.58
C LEU B 195 -52.62 -0.19 -6.33
N GLY B 196 -52.75 -0.90 -5.21
CA GLY B 196 -53.99 -1.61 -4.93
C GLY B 196 -54.05 -2.96 -5.61
N THR B 197 -53.89 -2.97 -6.94
CA THR B 197 -53.95 -4.18 -7.75
C THR B 197 -52.64 -4.95 -7.73
N GLN B 198 -51.65 -4.48 -6.98
CA GLN B 198 -50.37 -5.16 -6.91
C GLN B 198 -49.77 -4.94 -5.52
N THR B 199 -49.25 -6.01 -4.93
CA THR B 199 -48.58 -5.93 -3.64
C THR B 199 -47.07 -5.84 -3.90
N TYR B 200 -46.42 -4.92 -3.21
CA TYR B 200 -45.00 -4.70 -3.37
C TYR B 200 -44.31 -5.02 -2.06
N ILE B 201 -43.41 -6.00 -2.09
CA ILE B 201 -42.73 -6.50 -0.91
C ILE B 201 -41.24 -6.48 -1.18
N CYS B 202 -40.49 -5.83 -0.30
CA CYS B 202 -39.04 -5.85 -0.41
C CYS B 202 -38.48 -6.85 0.60
N ASN B 203 -37.48 -7.60 0.17
CA ASN B 203 -36.86 -8.68 0.94
C ASN B 203 -35.43 -8.25 1.19
N VAL B 204 -35.12 -7.95 2.44
CA VAL B 204 -33.79 -7.58 2.87
C VAL B 204 -33.17 -8.78 3.56
N ASN B 205 -31.95 -9.13 3.16
CA ASN B 205 -31.25 -10.25 3.77
C ASN B 205 -29.91 -9.74 4.25
N HIS B 206 -29.62 -9.97 5.54
CA HIS B 206 -28.38 -9.57 6.19
C HIS B 206 -27.84 -10.85 6.82
N LYS B 207 -27.12 -11.65 6.02
CA LYS B 207 -26.54 -12.89 6.53
C LYS B 207 -25.61 -12.67 7.73
N PRO B 208 -24.74 -11.65 7.77
CA PRO B 208 -23.90 -11.48 8.97
C PRO B 208 -24.68 -11.26 10.26
N SER B 209 -25.96 -10.91 10.19
CA SER B 209 -26.83 -10.89 11.35
C SER B 209 -27.73 -12.10 11.46
N ASN B 210 -27.70 -12.98 10.45
CA ASN B 210 -28.70 -14.04 10.33
C ASN B 210 -30.11 -13.45 10.37
N THR B 211 -30.31 -12.32 9.67
CA THR B 211 -31.57 -11.61 9.71
C THR B 211 -32.17 -11.51 8.31
N LYS B 212 -33.49 -11.71 8.22
CA LYS B 212 -34.23 -11.45 6.99
C LYS B 212 -35.47 -10.64 7.34
N VAL B 213 -35.71 -9.58 6.57
CA VAL B 213 -36.87 -8.73 6.74
C VAL B 213 -37.68 -8.74 5.45
N ASP B 214 -38.99 -8.87 5.58
CA ASP B 214 -39.90 -8.77 4.45
C ASP B 214 -40.89 -7.66 4.79
N LYS B 215 -40.82 -6.56 4.04
CA LYS B 215 -41.62 -5.38 4.32
C LYS B 215 -42.54 -5.11 3.15
N LYS B 216 -43.85 -5.12 3.42
CA LYS B 216 -44.83 -4.72 2.41
C LYS B 216 -44.96 -3.22 2.42
N VAL B 217 -44.78 -2.59 1.25
CA VAL B 217 -44.86 -1.16 1.10
C VAL B 217 -46.28 -0.81 0.63
N GLU B 218 -47.00 -0.04 1.43
CA GLU B 218 -48.37 0.31 1.09
C GLU B 218 -48.49 1.81 0.84
N PRO B 219 -49.28 2.22 -0.15
CA PRO B 219 -49.41 3.65 -0.47
C PRO B 219 -50.20 4.39 0.60
N LYS B 220 -49.55 5.37 1.23
CA LYS B 220 -50.19 6.25 2.19
C LYS B 220 -50.62 7.51 1.48
N SER B 221 -51.75 8.07 1.91
CA SER B 221 -52.27 9.30 1.31
C SER B 221 -51.62 10.52 1.92
N ALA C 1 -9.46 2.75 13.32
CA ALA C 1 -8.16 2.75 12.66
C ALA C 1 -8.00 3.98 11.77
N ILE C 2 -6.81 4.56 11.80
CA ILE C 2 -6.55 5.77 11.04
C ILE C 2 -5.38 5.52 10.11
N GLN C 3 -5.42 6.17 8.95
CA GLN C 3 -4.39 6.07 7.95
C GLN C 3 -3.98 7.48 7.56
N MET C 4 -2.68 7.67 7.34
CA MET C 4 -2.16 8.93 6.82
C MET C 4 -1.65 8.69 5.41
N THR C 5 -2.15 9.48 4.46
CA THR C 5 -1.67 9.44 3.09
C THR C 5 -0.76 10.65 2.87
N GLN C 6 0.54 10.38 2.74
CA GLN C 6 1.53 11.43 2.53
C GLN C 6 1.84 11.54 1.04
N SER C 7 2.12 12.77 0.60
CA SER C 7 2.38 13.04 -0.80
C SER C 7 3.26 14.26 -0.96
N PRO C 8 4.19 14.27 -1.93
CA PRO C 8 4.54 13.17 -2.85
C PRO C 8 5.48 12.17 -2.18
N SER C 9 5.71 11.02 -2.82
CA SER C 9 6.66 10.06 -2.28
C SER C 9 8.07 10.62 -2.27
N SER C 10 8.43 11.41 -3.27
CA SER C 10 9.72 12.10 -3.30
C SER C 10 9.56 13.41 -4.05
N LEU C 11 10.55 14.27 -3.90
CA LEU C 11 10.56 15.52 -4.63
C LEU C 11 11.98 16.07 -4.64
N SER C 12 12.31 16.79 -5.70
CA SER C 12 13.57 17.49 -5.81
C SER C 12 13.31 18.97 -5.99
N ALA C 13 14.19 19.80 -5.44
CA ALA C 13 14.02 21.24 -5.53
C ALA C 13 15.38 21.90 -5.33
N SER C 14 15.51 23.10 -5.91
CA SER C 14 16.76 23.84 -5.83
C SER C 14 16.88 24.53 -4.48
N VAL C 15 18.12 24.88 -4.12
CA VAL C 15 18.35 25.66 -2.91
C VAL C 15 17.64 27.00 -3.06
N GLY C 16 16.81 27.33 -2.08
CA GLY C 16 16.02 28.54 -2.09
C GLY C 16 14.58 28.36 -2.49
N ASP C 17 14.19 27.19 -2.99
CA ASP C 17 12.80 26.96 -3.36
C ASP C 17 11.92 26.77 -2.13
N ARG C 18 10.62 26.90 -2.35
CA ARG C 18 9.60 26.65 -1.33
C ARG C 18 8.96 25.30 -1.61
N VAL C 19 9.14 24.34 -0.71
CA VAL C 19 8.64 22.99 -0.91
C VAL C 19 7.50 22.72 0.05
N THR C 20 6.54 21.92 -0.41
CA THR C 20 5.31 21.63 0.32
C THR C 20 5.01 20.14 0.24
N ILE C 21 4.92 19.50 1.40
CA ILE C 21 4.49 18.12 1.55
C ILE C 21 3.10 18.13 2.17
N THR C 22 2.22 17.26 1.69
CA THR C 22 0.88 17.15 2.23
C THR C 22 0.68 15.79 2.86
N CYS C 23 -0.22 15.74 3.82
CA CYS C 23 -0.53 14.52 4.55
C CYS C 23 -2.01 14.58 4.91
N GLN C 24 -2.77 13.61 4.45
CA GLN C 24 -4.22 13.62 4.66
C GLN C 24 -4.61 12.49 5.60
N ALA C 25 -5.46 12.82 6.57
CA ALA C 25 -5.93 11.84 7.53
C ALA C 25 -7.19 11.16 7.00
N SER C 26 -7.34 9.87 7.35
CA SER C 26 -8.53 9.12 6.95
C SER C 26 -9.79 9.69 7.59
N GLN C 27 -9.66 10.32 8.76
CA GLN C 27 -10.77 11.01 9.42
C GLN C 27 -10.18 12.05 10.35
N SER C 28 -11.07 12.85 10.94
CA SER C 28 -10.63 13.98 11.75
C SER C 28 -9.79 13.52 12.93
N ILE C 29 -8.68 14.22 13.16
CA ILE C 29 -7.80 13.94 14.28
C ILE C 29 -7.52 15.23 15.03
N SER C 30 -8.35 16.24 14.80
CA SER C 30 -8.17 17.60 15.36
C SER C 30 -6.78 18.09 14.91
N ASN C 31 -6.01 18.67 15.82
CA ASN C 31 -4.69 19.20 15.50
C ASN C 31 -3.55 18.23 15.80
N GLN C 32 -3.85 17.00 16.23
CA GLN C 32 -2.83 16.07 16.73
C GLN C 32 -2.03 15.43 15.59
N LEU C 33 -1.35 16.28 14.81
CA LEU C 33 -0.47 15.82 13.75
C LEU C 33 0.89 16.49 13.87
N SER C 34 1.93 15.68 13.82
CA SER C 34 3.29 16.15 13.99
C SER C 34 4.13 15.74 12.79
N TRP C 35 5.22 16.47 12.58
CA TRP C 35 6.12 16.29 11.45
C TRP C 35 7.53 16.01 11.98
N TYR C 36 8.19 15.03 11.36
CA TYR C 36 9.50 14.54 11.76
C TYR C 36 10.44 14.53 10.56
N GLN C 37 11.71 14.78 10.84
CA GLN C 37 12.77 14.72 9.84
C GLN C 37 13.72 13.58 10.20
N GLN C 38 14.06 12.75 9.21
CA GLN C 38 14.99 11.65 9.39
C GLN C 38 16.13 11.81 8.39
N LYS C 39 17.32 12.12 8.91
CA LYS C 39 18.56 12.17 8.14
C LYS C 39 19.14 10.78 8.01
N PRO C 40 20.02 10.56 7.02
CA PRO C 40 20.56 9.22 6.81
C PRO C 40 21.25 8.65 8.04
N GLY C 41 20.86 7.42 8.39
CA GLY C 41 21.47 6.72 9.50
C GLY C 41 21.28 7.37 10.86
N LYS C 42 20.14 8.04 11.06
CA LYS C 42 19.84 8.65 12.36
C LYS C 42 18.37 8.43 12.68
N ALA C 43 18.05 8.60 13.95
CA ALA C 43 16.67 8.53 14.38
C ALA C 43 15.93 9.80 13.99
N PRO C 44 14.61 9.73 13.86
CA PRO C 44 13.85 10.94 13.50
C PRO C 44 13.94 12.02 14.56
N LYS C 45 13.85 13.27 14.11
CA LYS C 45 13.84 14.43 14.99
C LYS C 45 12.51 15.16 14.82
N LEU C 46 11.89 15.52 15.95
CA LEU C 46 10.62 16.22 15.91
C LEU C 46 10.80 17.63 15.36
N LEU C 47 10.03 17.96 14.31
CA LEU C 47 10.01 19.30 13.75
C LEU C 47 8.81 20.11 14.20
N ILE C 48 7.61 19.54 14.08
CA ILE C 48 6.39 20.31 14.29
C ILE C 48 5.40 19.46 15.06
N TYR C 49 4.70 20.06 16.01
CA TYR C 49 3.68 19.36 16.77
C TYR C 49 2.41 20.19 16.83
N ASP C 50 1.30 19.49 17.04
CA ASP C 50 -0.04 20.09 17.04
C ASP C 50 -0.27 20.88 15.75
N ALA C 51 0.22 20.32 14.64
CA ALA C 51 0.02 20.80 13.28
C ALA C 51 0.93 21.99 13.00
N SER C 52 0.92 23.02 13.83
CA SER C 52 1.65 24.23 13.48
C SER C 52 2.70 24.76 14.45
N SER C 53 2.93 24.11 15.58
CA SER C 53 3.86 24.62 16.59
C SER C 53 5.25 24.05 16.35
N LEU C 54 6.23 24.96 16.18
CA LEU C 54 7.61 24.54 15.98
C LEU C 54 8.19 23.94 17.25
N ALA C 55 8.93 22.85 17.10
CA ALA C 55 9.63 22.27 18.23
C ALA C 55 10.91 23.06 18.51
N SER C 56 11.45 22.83 19.71
CA SER C 56 12.61 23.59 20.16
C SER C 56 13.83 23.31 19.29
N GLY C 57 14.46 24.37 18.80
CA GLY C 57 15.67 24.21 18.01
C GLY C 57 15.44 23.91 16.54
N VAL C 58 14.28 24.24 16.02
CA VAL C 58 13.93 24.00 14.61
C VAL C 58 13.91 25.34 13.91
N PRO C 59 14.69 25.51 12.82
CA PRO C 59 14.71 26.80 12.12
C PRO C 59 13.33 27.24 11.65
N SER C 60 13.17 28.57 11.52
CA SER C 60 11.88 29.17 11.23
C SER C 60 11.37 28.91 9.82
N ARG C 61 12.19 28.34 8.94
CA ARG C 61 11.71 28.05 7.59
C ARG C 61 10.78 26.84 7.53
N PHE C 62 10.65 26.10 8.62
CA PHE C 62 9.68 25.02 8.70
C PHE C 62 8.38 25.57 9.27
N SER C 63 7.26 25.23 8.62
CA SER C 63 5.96 25.64 9.11
C SER C 63 4.94 24.56 8.75
N GLY C 64 3.84 24.56 9.48
CA GLY C 64 2.81 23.56 9.26
C GLY C 64 1.43 24.19 9.34
N SER C 65 0.52 23.64 8.55
CA SER C 65 -0.82 24.20 8.45
C SER C 65 -1.84 23.08 8.35
N ARG C 66 -3.06 23.37 8.79
CA ARG C 66 -4.18 22.45 8.78
C ARG C 66 -5.34 23.03 8.00
N SER C 67 -6.09 22.15 7.35
CA SER C 67 -7.33 22.48 6.64
C SER C 67 -8.17 21.21 6.67
N GLY C 68 -9.04 21.10 7.67
CA GLY C 68 -9.83 19.90 7.87
C GLY C 68 -8.99 18.69 8.23
N THR C 69 -8.89 17.75 7.30
CA THR C 69 -8.05 16.57 7.45
C THR C 69 -6.81 16.64 6.57
N LYS C 70 -6.54 17.78 5.93
CA LYS C 70 -5.35 17.97 5.12
C LYS C 70 -4.34 18.79 5.92
N PHE C 71 -3.14 18.26 6.10
CA PHE C 71 -2.06 18.94 6.79
C PHE C 71 -0.93 19.15 5.80
N THR C 72 -0.21 20.25 5.98
CA THR C 72 0.85 20.56 5.04
C THR C 72 2.07 21.04 5.80
N LEU C 73 3.21 20.44 5.49
CA LEU C 73 4.52 20.88 5.96
C LEU C 73 5.19 21.67 4.85
N THR C 74 5.73 22.84 5.19
CA THR C 74 6.32 23.75 4.22
C THR C 74 7.71 24.14 4.67
N ILE C 75 8.66 24.03 3.75
CA ILE C 75 10.00 24.57 3.92
C ILE C 75 10.09 25.77 2.99
N SER C 76 10.32 26.96 3.56
CA SER C 76 10.23 28.19 2.80
C SER C 76 11.46 28.43 1.93
N SER C 77 12.66 28.19 2.46
CA SER C 77 13.91 28.38 1.70
C SER C 77 14.78 27.13 1.91
N LEU C 78 14.75 26.23 0.93
CA LEU C 78 15.40 24.93 1.04
C LEU C 78 16.92 25.08 1.11
N GLN C 79 17.54 24.35 2.06
CA GLN C 79 18.98 24.35 2.29
C GLN C 79 19.59 22.99 2.00
N PRO C 80 20.88 22.93 1.67
CA PRO C 80 21.49 21.63 1.33
C PRO C 80 21.43 20.62 2.45
N GLU C 81 21.47 21.07 3.70
CA GLU C 81 21.40 20.17 4.84
C GLU C 81 19.97 19.70 5.13
N ASP C 82 19.01 20.02 4.27
CA ASP C 82 17.64 19.55 4.45
C ASP C 82 17.35 18.25 3.73
N PHE C 83 18.32 17.71 2.98
CA PHE C 83 18.13 16.40 2.37
C PHE C 83 17.77 15.40 3.43
N ALA C 84 16.58 14.80 3.30
CA ALA C 84 16.11 13.93 4.38
C ALA C 84 14.78 13.32 3.97
N THR C 85 14.30 12.39 4.78
CA THR C 85 12.96 11.85 4.62
C THR C 85 12.07 12.45 5.71
N TYR C 86 10.90 12.94 5.33
CA TYR C 86 10.00 13.62 6.24
C TYR C 86 8.74 12.78 6.45
N TYR C 87 8.33 12.65 7.69
CA TYR C 87 7.18 11.83 8.05
C TYR C 87 6.15 12.66 8.81
N CYS C 88 4.87 12.36 8.59
CA CYS C 88 3.82 12.85 9.46
C CYS C 88 3.39 11.74 10.42
N LEU C 89 2.90 12.17 11.57
CA LEU C 89 2.39 11.27 12.60
C LEU C 89 1.06 11.80 13.07
N GLY C 90 0.00 11.02 12.87
CA GLY C 90 -1.33 11.37 13.32
C GLY C 90 -1.71 10.49 14.49
N ILE C 91 -2.25 11.12 15.53
CA ILE C 91 -2.73 10.41 16.71
C ILE C 91 -4.21 10.76 16.87
N TYR C 92 -5.06 9.75 16.70
CA TYR C 92 -6.50 9.91 16.91
C TYR C 92 -6.81 9.76 18.39
N GLY C 93 -7.46 10.77 18.97
CA GLY C 93 -7.76 10.72 20.39
C GLY C 93 -6.52 10.50 21.22
N ASP C 94 -6.57 9.50 22.10
CA ASP C 94 -5.44 9.14 22.95
C ASP C 94 -4.66 7.94 22.41
N GLY C 95 -4.70 7.73 21.09
CA GLY C 95 -3.91 6.69 20.45
C GLY C 95 -4.12 5.27 20.97
N ALA C 96 -5.34 4.77 20.88
CA ALA C 96 -5.60 3.38 21.24
C ALA C 96 -5.27 2.49 20.05
N ASP C 97 -5.75 1.25 20.05
CA ASP C 97 -5.42 0.31 18.98
C ASP C 97 -5.65 0.94 17.61
N ASP C 98 -4.59 0.96 16.81
CA ASP C 98 -4.57 1.63 15.49
C ASP C 98 -4.94 3.10 15.59
N GLY C 99 -4.65 3.73 16.74
CA GLY C 99 -4.86 5.14 16.95
C GLY C 99 -3.66 6.01 16.69
N ILE C 100 -2.54 5.42 16.25
CA ILE C 100 -1.32 6.15 15.95
C ILE C 100 -0.84 5.69 14.59
N ALA C 101 -0.58 6.62 13.68
CA ALA C 101 -0.22 6.23 12.33
C ALA C 101 0.81 7.19 11.73
N PHE C 102 1.89 6.63 11.21
CA PHE C 102 2.86 7.38 10.43
C PHE C 102 2.41 7.49 8.97
N GLY C 103 2.76 8.61 8.35
CA GLY C 103 2.64 8.72 6.92
C GLY C 103 3.72 7.95 6.20
N GLY C 104 3.55 7.82 4.88
CA GLY C 104 4.46 7.03 4.08
C GLY C 104 5.86 7.61 3.98
N GLY C 105 6.02 8.90 4.24
CA GLY C 105 7.30 9.54 4.12
C GLY C 105 7.45 10.27 2.79
N THR C 106 8.35 11.25 2.79
CA THR C 106 8.66 12.01 1.58
C THR C 106 10.15 12.24 1.55
N LYS C 107 10.82 11.68 0.55
CA LYS C 107 12.25 11.91 0.37
C LYS C 107 12.44 13.26 -0.29
N VAL C 108 13.29 14.09 0.29
CA VAL C 108 13.57 15.43 -0.20
C VAL C 108 15.04 15.49 -0.56
N GLU C 109 15.29 15.67 -1.85
CA GLU C 109 16.62 15.76 -2.45
C GLU C 109 16.82 17.17 -2.99
N ILE C 110 18.02 17.70 -2.81
CA ILE C 110 18.36 19.04 -3.27
C ILE C 110 18.80 18.97 -4.72
N LYS C 111 18.21 19.81 -5.56
CA LYS C 111 18.61 19.92 -6.95
C LYS C 111 19.71 20.97 -7.06
N ARG C 112 20.90 20.54 -7.45
CA ARG C 112 22.03 21.43 -7.65
C ARG C 112 22.45 21.39 -9.12
N THR C 113 23.57 22.02 -9.42
CA THR C 113 24.08 22.01 -10.79
C THR C 113 24.61 20.64 -11.15
N VAL C 114 24.57 20.33 -12.44
CA VAL C 114 25.09 19.06 -12.91
C VAL C 114 26.58 18.98 -12.62
N ALA C 115 27.01 17.84 -12.06
CA ALA C 115 28.42 17.60 -11.78
C ALA C 115 28.81 16.27 -12.43
N ALA C 116 29.90 16.28 -13.16
CA ALA C 116 30.35 15.04 -13.77
C ALA C 116 31.15 14.23 -12.75
N PRO C 117 30.99 12.91 -12.74
CA PRO C 117 31.66 12.08 -11.73
C PRO C 117 33.15 11.92 -12.00
N SER C 118 33.88 11.65 -10.91
CA SER C 118 35.25 11.17 -11.00
C SER C 118 35.22 9.65 -10.99
N VAL C 119 35.73 9.04 -12.04
CA VAL C 119 35.58 7.61 -12.26
C VAL C 119 36.92 6.91 -12.02
N PHE C 120 36.93 5.98 -11.06
CA PHE C 120 38.08 5.15 -10.77
C PHE C 120 37.71 3.68 -10.99
N ILE C 121 38.71 2.88 -11.35
CA ILE C 121 38.51 1.45 -11.52
C ILE C 121 39.60 0.71 -10.75
N PHE C 122 39.20 -0.25 -9.93
CA PHE C 122 40.09 -1.06 -9.11
C PHE C 122 40.06 -2.50 -9.60
N PRO C 123 41.20 -3.05 -10.02
CA PRO C 123 41.28 -4.48 -10.31
C PRO C 123 41.18 -5.28 -9.03
N PRO C 124 40.91 -6.58 -9.11
CA PRO C 124 40.88 -7.39 -7.89
C PRO C 124 42.25 -7.45 -7.24
N SER C 125 42.26 -7.59 -5.92
CA SER C 125 43.51 -7.72 -5.21
C SER C 125 44.08 -9.13 -5.40
N ASP C 126 45.38 -9.27 -5.13
CA ASP C 126 46.02 -10.57 -5.28
C ASP C 126 45.49 -11.57 -4.26
N GLU C 127 45.17 -11.07 -3.06
CA GLU C 127 44.61 -11.93 -2.02
C GLU C 127 43.30 -12.57 -2.47
N GLN C 128 42.37 -11.76 -2.96
CA GLN C 128 41.09 -12.31 -3.39
C GLN C 128 41.27 -13.25 -4.58
N LEU C 129 42.23 -12.98 -5.46
CA LEU C 129 42.49 -13.89 -6.57
C LEU C 129 43.00 -15.24 -6.08
N LYS C 130 43.89 -15.23 -5.07
CA LYS C 130 44.29 -16.48 -4.42
C LYS C 130 43.07 -17.23 -3.89
N SER C 131 42.14 -16.49 -3.26
CA SER C 131 40.89 -17.12 -2.81
C SER C 131 40.15 -17.81 -3.95
N GLY C 132 40.33 -17.35 -5.18
CA GLY C 132 39.62 -17.91 -6.31
C GLY C 132 38.44 -17.10 -6.79
N THR C 133 38.30 -15.85 -6.35
CA THR C 133 37.23 -14.97 -6.78
C THR C 133 37.86 -13.65 -7.23
N ALA C 134 37.21 -12.97 -8.17
CA ALA C 134 37.72 -11.72 -8.72
C ALA C 134 36.63 -10.66 -8.63
N SER C 135 36.86 -9.65 -7.80
CA SER C 135 35.95 -8.52 -7.67
C SER C 135 36.66 -7.28 -8.22
N VAL C 136 36.10 -6.71 -9.29
CA VAL C 136 36.59 -5.48 -9.87
C VAL C 136 35.56 -4.39 -9.59
N VAL C 137 36.03 -3.24 -9.12
CA VAL C 137 35.17 -2.21 -8.55
C VAL C 137 35.30 -0.91 -9.35
N CYS C 138 34.16 -0.33 -9.72
CA CYS C 138 34.07 0.93 -10.43
C CYS C 138 33.47 1.97 -9.48
N LEU C 139 34.20 3.04 -9.23
CA LEU C 139 33.77 4.09 -8.31
C LEU C 139 33.45 5.37 -9.06
N LEU C 140 32.27 5.94 -8.79
CA LEU C 140 31.80 7.20 -9.35
C LEU C 140 31.69 8.18 -8.19
N ASN C 141 32.53 9.22 -8.22
CA ASN C 141 32.68 10.12 -7.08
C ASN C 141 32.07 11.47 -7.40
N ASN C 142 31.22 11.95 -6.48
CA ASN C 142 30.80 13.35 -6.40
C ASN C 142 30.20 13.89 -7.70
N PHE C 143 29.02 13.36 -8.02
CA PHE C 143 28.32 13.73 -9.25
C PHE C 143 26.88 14.07 -8.94
N TYR C 144 26.21 14.58 -9.96
CA TYR C 144 24.80 14.94 -9.93
C TYR C 144 24.35 15.16 -11.37
N PRO C 145 23.17 14.68 -11.77
CA PRO C 145 22.14 14.09 -10.93
C PRO C 145 22.36 12.63 -10.55
N ARG C 146 21.32 12.09 -9.91
CA ARG C 146 21.41 10.77 -9.28
C ARG C 146 21.43 9.65 -10.32
N GLU C 147 20.53 9.70 -11.29
CA GLU C 147 20.42 8.63 -12.28
C GLU C 147 21.68 8.53 -13.13
N ALA C 148 22.15 7.30 -13.31
CA ALA C 148 23.35 7.02 -14.10
C ALA C 148 23.36 5.55 -14.51
N LYS C 149 23.56 5.28 -15.79
CA LYS C 149 23.69 3.92 -16.28
C LYS C 149 25.15 3.49 -16.17
N VAL C 150 25.39 2.40 -15.46
CA VAL C 150 26.72 1.83 -15.31
C VAL C 150 26.69 0.42 -15.90
N GLN C 151 27.57 0.17 -16.87
CA GLN C 151 27.62 -1.10 -17.57
C GLN C 151 29.04 -1.63 -17.58
N TRP C 152 29.18 -2.95 -17.56
CA TRP C 152 30.49 -3.59 -17.60
C TRP C 152 30.69 -4.26 -18.95
N LYS C 153 31.89 -4.07 -19.52
CA LYS C 153 32.31 -4.75 -20.73
C LYS C 153 33.70 -5.33 -20.50
N VAL C 154 33.84 -6.63 -20.72
CA VAL C 154 35.11 -7.32 -20.62
C VAL C 154 35.46 -7.86 -22.00
N ASP C 155 36.58 -7.39 -22.55
CA ASP C 155 36.96 -7.66 -23.94
C ASP C 155 35.83 -7.26 -24.89
N ASN C 156 35.32 -6.05 -24.68
CA ASN C 156 34.29 -5.43 -25.51
C ASN C 156 32.98 -6.23 -25.55
N ALA C 157 32.73 -7.04 -24.52
CA ALA C 157 31.51 -7.84 -24.41
C ALA C 157 30.69 -7.37 -23.22
N LEU C 158 29.47 -6.91 -23.48
CA LEU C 158 28.60 -6.43 -22.41
C LEU C 158 28.27 -7.55 -21.44
N GLN C 159 28.34 -7.24 -20.15
CA GLN C 159 28.09 -8.18 -19.07
C GLN C 159 26.64 -8.13 -18.59
N SER C 160 26.17 -9.25 -18.05
CA SER C 160 24.81 -9.35 -17.55
C SER C 160 24.79 -10.30 -16.36
N GLY C 161 24.24 -9.83 -15.25
CA GLY C 161 23.96 -10.67 -14.10
C GLY C 161 25.09 -10.88 -13.13
N ASN C 162 26.27 -10.27 -13.35
CA ASN C 162 27.39 -10.45 -12.44
C ASN C 162 27.94 -9.13 -11.93
N SER C 163 27.08 -8.12 -11.79
CA SER C 163 27.47 -6.85 -11.20
C SER C 163 26.35 -6.32 -10.32
N GLN C 164 26.73 -5.52 -9.33
CA GLN C 164 25.78 -4.93 -8.41
C GLN C 164 26.17 -3.48 -8.14
N GLU C 165 25.17 -2.66 -7.83
CA GLU C 165 25.37 -1.23 -7.60
C GLU C 165 24.93 -0.84 -6.19
N SER C 166 25.56 0.22 -5.70
CA SER C 166 25.21 0.83 -4.42
C SER C 166 25.48 2.31 -4.55
N VAL C 167 24.54 3.14 -4.07
CA VAL C 167 24.68 4.58 -4.15
C VAL C 167 24.55 5.17 -2.76
N THR C 168 25.43 6.12 -2.43
CA THR C 168 25.34 6.80 -1.15
C THR C 168 24.12 7.72 -1.12
N GLU C 169 23.80 8.19 0.08
CA GLU C 169 22.82 9.24 0.20
C GLU C 169 23.41 10.55 -0.31
N GLN C 170 22.53 11.52 -0.55
CA GLN C 170 22.99 12.80 -1.05
C GLN C 170 23.85 13.48 0.01
N ASP C 171 25.01 13.95 -0.39
CA ASP C 171 25.92 14.61 0.54
C ASP C 171 25.25 15.87 1.09
N SER C 172 25.18 15.96 2.41
CA SER C 172 24.49 17.08 3.06
C SER C 172 25.23 18.40 2.91
N LYS C 173 26.47 18.39 2.43
CA LYS C 173 27.23 19.62 2.23
C LYS C 173 27.12 20.14 0.79
N ASP C 174 27.52 19.32 -0.19
CA ASP C 174 27.60 19.77 -1.58
C ASP C 174 26.56 19.13 -2.48
N SER C 175 25.65 18.32 -1.93
CA SER C 175 24.50 17.77 -2.68
C SER C 175 24.92 16.80 -3.78
N THR C 176 26.08 16.17 -3.67
CA THR C 176 26.53 15.20 -4.64
C THR C 176 26.30 13.78 -4.16
N TYR C 177 26.35 12.84 -5.10
CA TYR C 177 26.23 11.41 -4.84
C TYR C 177 27.54 10.71 -5.18
N SER C 178 27.71 9.52 -4.62
CA SER C 178 28.75 8.60 -5.05
C SER C 178 28.12 7.23 -5.27
N LEU C 179 28.70 6.48 -6.19
CA LEU C 179 28.18 5.18 -6.58
C LEU C 179 29.33 4.19 -6.71
N SER C 180 29.07 2.94 -6.36
CA SER C 180 30.02 1.87 -6.58
C SER C 180 29.32 0.75 -7.33
N SER C 181 30.02 0.19 -8.31
CA SER C 181 29.56 -0.94 -9.08
C SER C 181 30.61 -2.04 -8.98
N THR C 182 30.17 -3.26 -8.68
CA THR C 182 31.08 -4.36 -8.46
C THR C 182 30.77 -5.48 -9.42
N LEU C 183 31.76 -5.91 -10.18
CA LEU C 183 31.66 -7.04 -11.09
C LEU C 183 32.45 -8.19 -10.47
N THR C 184 31.79 -9.33 -10.28
CA THR C 184 32.40 -10.48 -9.63
C THR C 184 32.42 -11.65 -10.61
N LEU C 185 33.60 -12.25 -10.77
CA LEU C 185 33.81 -13.43 -11.59
C LEU C 185 34.56 -14.48 -10.78
N SER C 186 34.58 -15.70 -11.31
CA SER C 186 35.53 -16.68 -10.80
C SER C 186 36.92 -16.32 -11.28
N LYS C 187 37.93 -16.84 -10.56
CA LYS C 187 39.32 -16.58 -10.97
C LYS C 187 39.57 -17.06 -12.40
N ALA C 188 39.01 -18.21 -12.77
CA ALA C 188 39.23 -18.74 -14.12
C ALA C 188 38.67 -17.79 -15.18
N ASP C 189 37.39 -17.41 -15.04
CA ASP C 189 36.78 -16.46 -15.97
C ASP C 189 37.60 -15.17 -16.07
N TYR C 190 37.99 -14.64 -14.90
CA TYR C 190 38.75 -13.39 -14.89
C TYR C 190 40.08 -13.53 -15.63
N GLU C 191 40.77 -14.66 -15.45
CA GLU C 191 42.05 -14.86 -16.11
C GLU C 191 41.92 -15.29 -17.56
N LYS C 192 40.72 -15.58 -18.05
CA LYS C 192 40.52 -15.87 -19.46
C LYS C 192 40.36 -14.61 -20.33
N HIS C 193 40.49 -13.41 -19.77
CA HIS C 193 40.17 -12.19 -20.51
C HIS C 193 41.18 -11.11 -20.16
N LYS C 194 41.26 -10.09 -21.02
CA LYS C 194 42.30 -9.06 -20.90
C LYS C 194 41.77 -7.69 -20.51
N VAL C 195 40.84 -7.14 -21.27
CA VAL C 195 40.41 -5.74 -21.11
C VAL C 195 39.16 -5.70 -20.25
N TYR C 196 39.19 -4.89 -19.21
CA TYR C 196 38.06 -4.71 -18.31
C TYR C 196 37.70 -3.23 -18.29
N ALA C 197 36.42 -2.91 -18.41
CA ALA C 197 36.01 -1.52 -18.49
C ALA C 197 34.61 -1.34 -17.93
N CYS C 198 34.41 -0.24 -17.19
CA CYS C 198 33.09 0.20 -16.79
C CYS C 198 32.75 1.49 -17.53
N GLU C 199 31.51 1.54 -18.02
CA GLU C 199 31.00 2.64 -18.82
C GLU C 199 29.87 3.31 -18.06
N VAL C 200 30.04 4.61 -17.80
CA VAL C 200 29.05 5.43 -17.10
C VAL C 200 28.39 6.30 -18.15
N THR C 201 27.07 6.37 -18.12
CA THR C 201 26.33 7.23 -19.02
C THR C 201 25.41 8.11 -18.21
N GLN C 202 25.48 9.42 -18.46
CA GLN C 202 24.52 10.36 -17.90
C GLN C 202 24.30 11.48 -18.91
N GLY C 203 23.03 11.79 -19.15
CA GLY C 203 22.70 12.80 -20.13
C GLY C 203 23.25 12.44 -21.50
N THR C 204 24.02 13.37 -22.06
CA THR C 204 24.61 13.20 -23.39
C THR C 204 26.02 12.62 -23.33
N THR C 205 26.51 12.26 -22.14
CA THR C 205 27.90 11.90 -21.95
C THR C 205 28.05 10.45 -21.53
N SER C 206 29.07 9.79 -22.07
CA SER C 206 29.51 8.48 -21.63
C SER C 206 31.00 8.52 -21.36
N VAL C 207 31.41 8.04 -20.19
CA VAL C 207 32.80 7.95 -19.80
C VAL C 207 33.12 6.49 -19.53
N THR C 208 34.22 6.01 -20.11
CA THR C 208 34.61 4.61 -19.98
C THR C 208 36.01 4.51 -19.40
N LYS C 209 36.12 3.86 -18.24
CA LYS C 209 37.40 3.61 -17.60
C LYS C 209 37.74 2.13 -17.73
N SER C 210 39.00 1.84 -18.08
CA SER C 210 39.38 0.48 -18.38
C SER C 210 40.76 0.19 -17.82
N PHE C 211 41.11 -1.09 -17.86
CA PHE C 211 42.46 -1.55 -17.58
C PHE C 211 42.70 -2.87 -18.31
N ASN C 212 43.97 -3.13 -18.59
CA ASN C 212 44.42 -4.36 -19.23
C ASN C 212 45.17 -5.19 -18.20
N ARG C 213 44.72 -6.43 -18.00
CA ARG C 213 45.40 -7.32 -17.07
C ARG C 213 46.86 -7.53 -17.47
N GLY C 214 47.16 -7.47 -18.77
CA GLY C 214 48.50 -7.65 -19.25
C GLY C 214 49.24 -6.35 -19.48
N GLU C 215 48.88 -5.32 -18.72
CA GLU C 215 49.54 -4.02 -18.79
C GLU C 215 49.58 -3.38 -17.41
N GLU D 1 19.72 15.34 28.67
CA GLU D 1 20.55 14.38 29.40
C GLU D 1 19.80 13.06 29.58
N VAL D 2 18.52 13.07 29.24
CA VAL D 2 17.74 11.84 29.21
C VAL D 2 18.13 11.04 27.97
N GLN D 3 18.07 9.73 28.07
CA GLN D 3 18.37 8.90 26.90
C GLN D 3 17.63 7.58 26.99
N LEU D 4 17.41 6.98 25.83
CA LEU D 4 16.82 5.67 25.68
C LEU D 4 17.84 4.77 24.99
N VAL D 5 18.15 3.62 25.59
CA VAL D 5 19.15 2.71 25.03
C VAL D 5 18.48 1.36 24.80
N GLU D 6 18.35 0.97 23.53
CA GLU D 6 17.78 -0.33 23.21
C GLU D 6 18.89 -1.38 23.16
N SER D 7 18.50 -2.61 23.44
CA SER D 7 19.39 -3.75 23.33
C SER D 7 18.53 -4.98 23.13
N GLY D 8 19.18 -6.12 22.99
CA GLY D 8 18.53 -7.26 22.39
C GLY D 8 18.65 -7.14 20.89
N GLY D 9 17.90 -7.95 20.19
CA GLY D 9 17.98 -7.84 18.74
C GLY D 9 19.24 -8.44 18.18
N GLY D 10 19.14 -8.94 16.97
CA GLY D 10 20.17 -9.73 16.36
C GLY D 10 19.53 -10.72 15.43
N LEU D 11 20.29 -11.77 15.11
CA LEU D 11 19.83 -12.81 14.21
C LEU D 11 18.91 -13.76 14.96
N VAL D 12 17.73 -14.00 14.40
CA VAL D 12 16.74 -14.92 14.96
C VAL D 12 16.20 -15.81 13.87
N GLN D 13 16.01 -17.09 14.18
CA GLN D 13 15.48 -18.04 13.22
C GLN D 13 13.98 -17.77 13.03
N PRO D 14 13.46 -17.97 11.81
CA PRO D 14 12.02 -17.79 11.61
C PRO D 14 11.24 -18.67 12.57
N GLY D 15 10.15 -18.11 13.09
CA GLY D 15 9.38 -18.78 14.10
C GLY D 15 9.89 -18.63 15.52
N GLY D 16 11.13 -18.16 15.70
CA GLY D 16 11.70 -18.00 17.02
C GLY D 16 11.14 -16.81 17.77
N SER D 17 11.66 -16.63 18.98
CA SER D 17 11.25 -15.55 19.87
C SER D 17 12.41 -14.61 20.15
N LEU D 18 12.06 -13.40 20.57
CA LEU D 18 13.06 -12.42 20.92
C LEU D 18 12.46 -11.46 21.93
N ARG D 19 13.30 -10.92 22.81
CA ARG D 19 12.87 -9.88 23.74
C ARG D 19 13.80 -8.69 23.60
N LEU D 20 13.26 -7.58 23.12
CA LEU D 20 13.96 -6.31 23.08
C LEU D 20 13.80 -5.57 24.39
N SER D 21 14.86 -4.90 24.82
CA SER D 21 14.80 -4.11 26.04
C SER D 21 15.23 -2.69 25.73
N CYS D 22 14.82 -1.79 26.60
CA CYS D 22 15.08 -0.37 26.43
C CYS D 22 15.27 0.24 27.81
N ALA D 23 16.49 0.67 28.11
CA ALA D 23 16.80 1.30 29.38
C ALA D 23 16.57 2.81 29.24
N ALA D 24 15.70 3.33 30.09
CA ALA D 24 15.49 4.77 30.18
C ALA D 24 16.43 5.34 31.22
N SER D 25 17.15 6.40 30.87
CA SER D 25 18.11 7.03 31.74
C SER D 25 17.77 8.50 31.91
N GLY D 26 17.56 8.92 33.16
CA GLY D 26 17.37 10.32 33.47
C GLY D 26 15.94 10.76 33.68
N PHE D 27 14.97 9.87 33.54
CA PHE D 27 13.59 10.22 33.75
C PHE D 27 12.82 8.99 34.19
N SER D 28 11.59 9.20 34.63
CA SER D 28 10.75 8.14 35.18
C SER D 28 9.96 7.49 34.05
N LEU D 29 10.38 6.29 33.65
CA LEU D 29 9.79 5.63 32.49
C LEU D 29 8.28 5.47 32.63
N SER D 30 7.82 5.12 33.82
CA SER D 30 6.41 4.75 33.99
C SER D 30 5.46 5.94 33.95
N SER D 31 5.94 7.18 33.86
CA SER D 31 5.05 8.33 33.82
C SER D 31 4.98 8.95 32.43
N TYR D 32 5.40 8.22 31.41
CA TYR D 32 5.24 8.64 30.03
C TYR D 32 4.57 7.51 29.26
N TYR D 33 3.91 7.87 28.17
CA TYR D 33 3.48 6.90 27.18
C TYR D 33 4.71 6.42 26.42
N MET D 34 4.96 5.11 26.42
CA MET D 34 6.15 4.58 25.78
C MET D 34 5.76 3.70 24.59
N THR D 35 6.52 3.80 23.51
CA THR D 35 6.10 3.20 22.26
C THR D 35 7.28 2.48 21.62
N TRP D 36 6.94 1.50 20.81
CA TRP D 36 7.87 0.85 19.90
C TRP D 36 7.45 1.23 18.49
N VAL D 37 8.43 1.70 17.71
CA VAL D 37 8.27 2.05 16.31
C VAL D 37 9.32 1.29 15.52
N ARG D 38 8.95 0.70 14.39
CA ARG D 38 9.93 -0.06 13.64
C ARG D 38 10.08 0.49 12.23
N GLN D 39 11.25 0.23 11.64
CA GLN D 39 11.55 0.68 10.28
C GLN D 39 12.26 -0.45 9.54
N ALA D 40 11.56 -1.04 8.58
CA ALA D 40 12.14 -2.07 7.74
C ALA D 40 13.19 -1.46 6.81
N PRO D 41 14.12 -2.25 6.30
CA PRO D 41 15.17 -1.71 5.44
C PRO D 41 14.60 -1.05 4.19
N GLY D 42 14.98 0.20 3.97
CA GLY D 42 14.50 0.96 2.82
C GLY D 42 13.02 1.25 2.83
N LYS D 43 12.39 1.26 3.99
CA LYS D 43 10.95 1.54 4.11
C LYS D 43 10.74 2.63 5.17
N GLY D 44 9.46 2.96 5.41
CA GLY D 44 9.12 4.04 6.29
C GLY D 44 8.94 3.60 7.74
N LEU D 45 8.66 4.59 8.59
CA LEU D 45 8.41 4.33 10.00
C LEU D 45 7.05 3.70 10.19
N GLU D 46 6.96 2.76 11.14
CA GLU D 46 5.76 1.99 11.35
C GLU D 46 5.52 1.85 12.85
N TRP D 47 4.39 2.36 13.33
CA TRP D 47 4.11 2.30 14.76
C TRP D 47 3.73 0.88 15.16
N VAL D 48 4.37 0.36 16.22
CA VAL D 48 4.15 -1.02 16.64
C VAL D 48 3.24 -1.04 17.87
N SER D 49 3.61 -0.33 18.93
CA SER D 49 2.79 -0.45 20.14
C SER D 49 3.08 0.66 21.13
N VAL D 50 2.22 0.77 22.14
CA VAL D 50 2.31 1.79 23.18
C VAL D 50 1.83 1.20 24.50
N ILE D 51 2.44 1.66 25.58
CA ILE D 51 2.00 1.38 26.94
C ILE D 51 1.85 2.71 27.67
N ASN D 52 0.71 2.89 28.35
CA ASN D 52 0.42 4.16 28.99
C ASN D 52 0.84 4.11 30.46
N VAL D 53 0.53 5.18 31.21
CA VAL D 53 1.05 5.33 32.56
C VAL D 53 0.45 4.33 33.52
N TYR D 54 -0.79 3.87 33.27
CA TYR D 54 -1.40 2.86 34.12
C TYR D 54 -0.94 1.45 33.79
N GLY D 55 -0.21 1.26 32.71
CA GLY D 55 0.21 -0.05 32.29
C GLY D 55 -0.67 -0.72 31.25
N GLY D 56 -1.64 0.00 30.70
CA GLY D 56 -2.45 -0.54 29.63
C GLY D 56 -1.69 -0.55 28.32
N THR D 57 -1.90 -1.60 27.53
CA THR D 57 -1.18 -1.84 26.29
C THR D 57 -2.10 -1.68 25.09
N TYR D 58 -1.59 -1.05 24.02
CA TYR D 58 -2.32 -0.87 22.78
C TYR D 58 -1.37 -1.07 21.61
N TYR D 59 -1.89 -1.60 20.50
CA TYR D 59 -1.05 -2.14 19.45
C TYR D 59 -1.53 -1.70 18.08
N ALA D 60 -0.62 -1.78 17.11
CA ALA D 60 -1.03 -1.85 15.72
C ALA D 60 -1.64 -3.22 15.45
N SER D 61 -2.64 -3.24 14.56
CA SER D 61 -3.40 -4.47 14.30
C SER D 61 -2.50 -5.63 13.95
N TRP D 62 -1.57 -5.41 13.00
CA TRP D 62 -0.71 -6.49 12.54
C TRP D 62 0.19 -7.03 13.64
N ALA D 63 0.41 -6.26 14.71
CA ALA D 63 1.34 -6.67 15.75
C ALA D 63 0.66 -7.36 16.92
N LYS D 64 -0.67 -7.24 17.04
CA LYS D 64 -1.34 -7.64 18.26
C LYS D 64 -1.21 -9.13 18.55
N GLY D 65 -1.13 -9.97 17.52
CA GLY D 65 -1.12 -11.41 17.75
C GLY D 65 0.18 -11.93 18.35
N ARG D 66 1.31 -11.33 17.98
CA ARG D 66 2.62 -11.89 18.29
C ARG D 66 3.50 -11.00 19.14
N PHE D 67 3.15 -9.74 19.32
CA PHE D 67 3.97 -8.78 20.05
C PHE D 67 3.32 -8.42 21.37
N THR D 68 4.13 -8.23 22.40
CA THR D 68 3.65 -7.78 23.70
C THR D 68 4.61 -6.72 24.22
N ILE D 69 4.08 -5.53 24.50
CA ILE D 69 4.86 -4.47 25.13
C ILE D 69 4.69 -4.59 26.64
N SER D 70 5.74 -4.25 27.39
CA SER D 70 5.66 -4.29 28.84
C SER D 70 6.75 -3.41 29.41
N ARG D 71 6.73 -3.23 30.73
CA ARG D 71 7.80 -2.49 31.39
C ARG D 71 7.99 -3.01 32.80
N ASP D 72 9.24 -2.98 33.27
CA ASP D 72 9.58 -3.24 34.66
C ASP D 72 9.90 -1.90 35.32
N ASN D 73 9.02 -1.48 36.23
CA ASN D 73 9.21 -0.22 36.95
C ASN D 73 10.37 -0.32 37.94
N SER D 74 10.63 -1.50 38.48
CA SER D 74 11.77 -1.68 39.36
C SER D 74 13.09 -1.64 38.62
N LYS D 75 13.07 -1.69 37.29
CA LYS D 75 14.28 -1.57 36.49
C LYS D 75 14.27 -0.36 35.57
N ASN D 76 13.18 0.41 35.54
CA ASN D 76 13.02 1.55 34.64
C ASN D 76 13.22 1.12 33.19
N THR D 77 12.68 -0.05 32.83
CA THR D 77 13.02 -0.65 31.54
C THR D 77 11.77 -1.04 30.76
N LEU D 78 11.78 -0.74 29.46
CA LEU D 78 10.72 -1.16 28.55
C LEU D 78 11.14 -2.43 27.82
N TYR D 79 10.14 -3.26 27.47
CA TYR D 79 10.36 -4.54 26.82
C TYR D 79 9.39 -4.70 25.66
N LEU D 80 9.87 -5.32 24.59
CA LEU D 80 9.04 -5.77 23.48
C LEU D 80 9.32 -7.25 23.24
N GLN D 81 8.35 -8.10 23.58
CA GLN D 81 8.43 -9.53 23.33
C GLN D 81 7.82 -9.85 21.97
N MET D 82 8.57 -10.58 21.15
CA MET D 82 8.18 -10.95 19.79
C MET D 82 8.19 -12.47 19.67
N ASN D 83 7.02 -13.07 19.39
CA ASN D 83 6.91 -14.52 19.21
C ASN D 83 6.67 -14.89 17.74
N SER D 84 7.10 -16.09 17.39
CA SER D 84 6.94 -16.69 16.06
C SER D 84 7.21 -15.66 14.96
N LEU D 85 8.44 -15.15 14.96
CA LEU D 85 8.80 -14.06 14.07
C LEU D 85 8.87 -14.56 12.63
N ARG D 86 8.45 -13.71 11.70
CA ARG D 86 8.56 -13.99 10.29
C ARG D 86 9.54 -12.99 9.65
N ALA D 87 10.13 -13.40 8.52
CA ALA D 87 11.16 -12.60 7.87
C ALA D 87 10.74 -11.16 7.62
N GLU D 88 9.46 -10.91 7.40
CA GLU D 88 8.98 -9.54 7.24
C GLU D 88 9.11 -8.73 8.52
N ASP D 89 9.41 -9.35 9.66
CA ASP D 89 9.64 -8.60 10.88
C ASP D 89 11.05 -8.02 10.94
N THR D 90 11.93 -8.36 10.00
CA THR D 90 13.26 -7.78 9.96
C THR D 90 13.18 -6.27 9.85
N ALA D 91 13.75 -5.58 10.83
CA ALA D 91 13.61 -4.13 10.90
C ALA D 91 14.50 -3.59 12.00
N VAL D 92 14.72 -2.28 11.96
CA VAL D 92 15.25 -1.56 13.12
C VAL D 92 14.10 -1.25 14.05
N TYR D 93 14.25 -1.58 15.33
CA TYR D 93 13.23 -1.31 16.31
C TYR D 93 13.69 -0.19 17.24
N TYR D 94 12.88 0.87 17.31
CA TYR D 94 13.16 2.06 18.08
C TYR D 94 12.25 2.10 19.30
N CYS D 95 12.87 2.34 20.44
CA CYS D 95 12.19 2.84 21.62
C CYS D 95 11.87 4.32 21.42
N ALA D 96 10.67 4.75 21.80
CA ALA D 96 10.30 6.15 21.61
C ALA D 96 9.33 6.62 22.68
N ARG D 97 9.58 7.82 23.20
CA ARG D 97 8.77 8.40 24.25
C ARG D 97 7.76 9.38 23.67
N GLU D 98 6.48 9.17 23.98
CA GLU D 98 5.42 10.07 23.56
C GLU D 98 5.05 10.99 24.71
N ASP D 99 5.08 12.29 24.45
CA ASP D 99 4.64 13.28 25.42
C ASP D 99 3.17 13.58 25.18
N VAL D 100 2.32 13.19 26.14
CA VAL D 100 0.90 13.50 26.08
C VAL D 100 0.55 14.81 26.78
N ALA D 101 1.48 15.37 27.57
CA ALA D 101 1.17 16.58 28.31
C ALA D 101 0.84 17.73 27.37
N VAL D 102 1.69 17.97 26.38
CA VAL D 102 1.51 19.10 25.46
C VAL D 102 1.56 18.63 24.01
N TYR D 103 2.65 17.96 23.64
CA TYR D 103 2.92 17.69 22.23
C TYR D 103 1.88 16.78 21.61
N MET D 104 1.49 15.71 22.31
CA MET D 104 0.81 14.57 21.68
C MET D 104 1.62 14.08 20.49
N ALA D 105 2.93 13.96 20.70
CA ALA D 105 3.87 13.52 19.68
C ALA D 105 5.04 12.84 20.37
N ILE D 106 5.97 12.32 19.57
CA ILE D 106 7.15 11.63 20.08
C ILE D 106 8.28 12.64 20.17
N ASP D 107 8.87 12.79 21.36
CA ASP D 107 9.90 13.80 21.59
C ASP D 107 11.27 13.22 21.91
N LEU D 108 11.41 11.90 21.95
CA LEU D 108 12.68 11.28 22.31
C LEU D 108 12.75 9.87 21.72
N TRP D 109 13.82 9.59 20.98
CA TRP D 109 14.02 8.28 20.36
C TRP D 109 15.25 7.60 20.93
N GLY D 110 15.25 6.27 20.91
CA GLY D 110 16.45 5.50 21.14
C GLY D 110 17.31 5.46 19.88
N GLN D 111 18.42 4.74 19.96
CA GLN D 111 19.27 4.60 18.78
C GLN D 111 18.81 3.49 17.83
N GLY D 112 17.88 2.64 18.28
CA GLY D 112 17.40 1.56 17.45
C GLY D 112 18.26 0.32 17.56
N THR D 113 17.65 -0.86 17.51
CA THR D 113 18.41 -2.10 17.41
C THR D 113 17.88 -2.90 16.24
N LEU D 114 18.78 -3.49 15.46
CA LEU D 114 18.37 -4.25 14.28
C LEU D 114 17.96 -5.67 14.66
N VAL D 115 16.81 -6.11 14.15
CA VAL D 115 16.35 -7.49 14.27
C VAL D 115 16.32 -8.10 12.87
N THR D 116 17.12 -9.15 12.67
CA THR D 116 17.17 -9.88 11.41
C THR D 116 16.54 -11.25 11.61
N VAL D 117 15.45 -11.52 10.90
CA VAL D 117 14.74 -12.79 10.98
C VAL D 117 15.12 -13.59 9.74
N SER D 118 16.04 -14.54 9.91
CA SER D 118 16.56 -15.30 8.78
C SER D 118 17.00 -16.68 9.25
N SER D 119 17.10 -17.61 8.30
CA SER D 119 17.61 -18.94 8.62
C SER D 119 19.09 -19.10 8.31
N ALA D 120 19.73 -18.10 7.69
CA ALA D 120 21.16 -18.14 7.41
C ALA D 120 21.99 -18.07 8.69
N SER D 121 23.27 -18.37 8.56
CA SER D 121 24.19 -18.42 9.69
C SER D 121 25.08 -17.17 9.72
N THR D 122 25.46 -16.79 10.93
CA THR D 122 26.40 -15.69 11.13
C THR D 122 27.73 -16.00 10.49
N LYS D 123 28.26 -15.03 9.74
CA LYS D 123 29.59 -15.14 9.14
C LYS D 123 30.31 -13.82 9.21
N GLY D 124 31.57 -13.85 9.61
CA GLY D 124 32.38 -12.66 9.64
C GLY D 124 32.87 -12.28 8.26
N PRO D 125 33.28 -11.03 8.09
CA PRO D 125 33.60 -10.51 6.75
C PRO D 125 35.04 -10.78 6.33
N SER D 126 35.21 -10.95 5.02
CA SER D 126 36.54 -10.91 4.42
C SER D 126 36.81 -9.48 3.97
N VAL D 127 38.03 -9.00 4.22
CA VAL D 127 38.39 -7.62 3.94
C VAL D 127 39.54 -7.61 2.95
N PHE D 128 39.30 -7.04 1.78
CA PHE D 128 40.31 -6.93 0.74
C PHE D 128 40.63 -5.47 0.47
N PRO D 129 41.82 -5.17 -0.02
CA PRO D 129 42.15 -3.77 -0.30
C PRO D 129 41.88 -3.37 -1.74
N LEU D 130 41.35 -2.15 -1.90
CA LEU D 130 41.26 -1.48 -3.19
C LEU D 130 42.44 -0.52 -3.21
N ALA D 131 43.53 -0.96 -3.84
CA ALA D 131 44.83 -0.31 -3.75
C ALA D 131 44.93 0.84 -4.77
N PRO D 132 45.57 1.94 -4.39
CA PRO D 132 45.75 3.04 -5.34
C PRO D 132 46.99 2.88 -6.20
N SER D 133 47.36 3.93 -6.94
CA SER D 133 48.60 4.01 -7.71
C SER D 133 48.57 3.11 -8.94
N SER D 134 47.38 2.80 -9.48
CA SER D 134 47.32 1.95 -10.66
C SER D 134 46.38 2.55 -11.72
N LYS D 135 45.07 2.30 -11.58
CA LYS D 135 44.06 2.95 -12.39
C LYS D 135 43.15 3.81 -11.51
N SER D 136 43.65 4.16 -10.32
CA SER D 136 42.96 4.96 -9.33
C SER D 136 43.68 6.27 -9.06
N THR D 137 44.39 6.79 -10.07
CA THR D 137 45.13 8.04 -9.97
C THR D 137 44.79 8.91 -11.18
N SER D 138 44.13 10.04 -10.94
CA SER D 138 43.75 10.98 -11.98
C SER D 138 44.18 12.36 -11.50
N GLY D 139 45.20 12.92 -12.14
CA GLY D 139 45.75 14.18 -11.66
C GLY D 139 46.50 13.95 -10.36
N GLY D 140 46.28 14.85 -9.40
CA GLY D 140 46.87 14.73 -8.10
C GLY D 140 46.03 14.04 -7.04
N THR D 141 44.87 13.50 -7.41
CA THR D 141 43.98 12.82 -6.48
C THR D 141 43.91 11.33 -6.77
N ALA D 142 44.20 10.53 -5.76
CA ALA D 142 44.07 9.09 -5.82
C ALA D 142 42.86 8.64 -5.02
N ALA D 143 42.36 7.44 -5.33
CA ALA D 143 41.28 6.81 -4.58
C ALA D 143 41.75 5.46 -4.08
N LEU D 144 41.38 5.14 -2.84
CA LEU D 144 41.70 3.84 -2.26
C LEU D 144 40.54 3.41 -1.37
N GLY D 145 40.57 2.16 -0.93
CA GLY D 145 39.49 1.72 -0.06
C GLY D 145 39.61 0.27 0.36
N CYS D 146 38.51 -0.22 0.93
CA CYS D 146 38.37 -1.57 1.46
C CYS D 146 37.08 -2.20 0.93
N LEU D 147 37.20 -3.43 0.46
CA LEU D 147 36.05 -4.24 0.06
C LEU D 147 35.74 -5.21 1.20
N VAL D 148 34.57 -5.07 1.79
CA VAL D 148 34.13 -5.88 2.91
C VAL D 148 33.09 -6.85 2.35
N LYS D 149 33.47 -8.10 2.17
CA LYS D 149 32.72 -9.05 1.36
C LYS D 149 32.32 -10.27 2.20
N ASP D 150 31.11 -10.77 1.95
CA ASP D 150 30.65 -12.07 2.45
C ASP D 150 30.50 -12.10 3.96
N TYR D 151 29.67 -11.21 4.50
CA TYR D 151 29.35 -11.23 5.92
C TYR D 151 27.85 -11.31 6.13
N PHE D 152 27.48 -11.69 7.35
CA PHE D 152 26.09 -11.84 7.74
C PHE D 152 25.99 -12.00 9.25
N PRO D 153 25.01 -11.34 9.89
CA PRO D 153 24.11 -10.42 9.22
C PRO D 153 24.61 -8.98 9.31
N GLU D 154 23.75 -8.04 8.94
CA GLU D 154 24.03 -6.63 9.18
C GLU D 154 24.01 -6.35 10.68
N PRO D 155 24.71 -5.29 11.13
CA PRO D 155 25.47 -4.30 10.36
C PRO D 155 26.99 -4.38 10.53
N VAL D 156 27.72 -3.78 9.58
CA VAL D 156 29.14 -3.54 9.73
C VAL D 156 29.36 -2.04 9.75
N THR D 157 30.39 -1.62 10.49
CA THR D 157 30.79 -0.23 10.53
C THR D 157 32.21 -0.12 10.00
N VAL D 158 32.46 0.91 9.21
CA VAL D 158 33.79 1.16 8.68
C VAL D 158 34.24 2.54 9.12
N SER D 159 35.44 2.61 9.69
CA SER D 159 36.10 3.87 9.95
C SER D 159 37.47 3.84 9.31
N TRP D 160 38.11 4.99 9.20
CA TRP D 160 39.45 5.10 8.64
C TRP D 160 40.37 5.74 9.64
N ASN D 161 41.55 5.15 9.80
CA ASN D 161 42.55 5.60 10.78
C ASN D 161 41.88 5.83 12.14
N SER D 162 41.13 4.83 12.58
CA SER D 162 40.48 4.82 13.90
C SER D 162 39.57 6.03 14.09
N GLY D 163 39.06 6.59 12.99
CA GLY D 163 38.19 7.74 13.03
C GLY D 163 38.87 9.06 12.74
N ALA D 164 40.21 9.07 12.61
CA ALA D 164 40.93 10.32 12.38
C ALA D 164 40.65 10.87 10.99
N LEU D 165 40.50 10.00 10.00
CA LEU D 165 40.28 10.40 8.61
C LEU D 165 38.79 10.30 8.29
N THR D 166 38.16 11.43 8.02
CA THR D 166 36.72 11.47 7.74
C THR D 166 36.41 12.17 6.42
N SER D 167 37.20 13.17 6.05
CA SER D 167 36.92 13.92 4.84
C SER D 167 37.25 13.08 3.62
N GLY D 168 36.32 13.03 2.69
CA GLY D 168 36.48 12.24 1.49
C GLY D 168 36.14 10.77 1.64
N VAL D 169 35.59 10.36 2.77
CA VAL D 169 35.26 8.96 3.01
C VAL D 169 33.81 8.71 2.61
N HIS D 170 33.61 7.71 1.75
CA HIS D 170 32.30 7.22 1.36
C HIS D 170 32.22 5.74 1.70
N THR D 171 31.33 5.38 2.61
CA THR D 171 31.05 3.99 2.92
C THR D 171 29.71 3.65 2.30
N PHE D 172 29.72 2.80 1.27
CA PHE D 172 28.50 2.54 0.54
C PHE D 172 27.60 1.59 1.31
N PRO D 173 26.28 1.74 1.18
CA PRO D 173 25.36 0.78 1.80
C PRO D 173 25.61 -0.63 1.30
N ALA D 174 25.49 -1.59 2.21
CA ALA D 174 25.70 -2.98 1.82
C ALA D 174 24.59 -3.44 0.88
N VAL D 175 24.95 -4.36 -0.02
CA VAL D 175 23.99 -5.00 -0.91
C VAL D 175 23.99 -6.49 -0.62
N LEU D 176 22.82 -7.10 -0.65
CA LEU D 176 22.70 -8.54 -0.47
C LEU D 176 23.11 -9.23 -1.77
N GLN D 177 24.12 -10.10 -1.68
CA GLN D 177 24.58 -10.85 -2.83
C GLN D 177 23.71 -12.08 -3.07
N SER D 178 23.91 -12.70 -4.23
CA SER D 178 23.13 -13.89 -4.58
C SER D 178 23.36 -15.02 -3.58
N SER D 179 24.52 -15.06 -2.94
CA SER D 179 24.81 -16.09 -1.95
C SER D 179 23.99 -15.92 -0.67
N GLY D 180 23.25 -14.82 -0.52
CA GLY D 180 22.59 -14.53 0.73
C GLY D 180 23.46 -13.80 1.72
N LEU D 181 24.65 -13.38 1.32
CA LEU D 181 25.59 -12.66 2.17
C LEU D 181 25.67 -11.20 1.72
N TYR D 182 26.12 -10.34 2.63
CA TYR D 182 26.23 -8.92 2.37
C TYR D 182 27.63 -8.55 1.90
N SER D 183 27.71 -7.46 1.16
CA SER D 183 28.99 -6.95 0.70
C SER D 183 28.88 -5.44 0.55
N LEU D 184 29.94 -4.73 0.92
CA LEU D 184 29.99 -3.29 0.78
C LEU D 184 31.42 -2.83 0.53
N SER D 185 31.56 -1.57 0.17
CA SER D 185 32.86 -0.97 -0.03
C SER D 185 32.95 0.36 0.71
N SER D 186 34.15 0.67 1.18
CA SER D 186 34.45 1.97 1.76
C SER D 186 35.63 2.54 1.01
N VAL D 187 35.52 3.80 0.57
CA VAL D 187 36.54 4.44 -0.23
C VAL D 187 36.88 5.80 0.37
N VAL D 188 38.06 6.27 0.04
CA VAL D 188 38.51 7.60 0.41
C VAL D 188 39.38 8.14 -0.72
N THR D 189 39.23 9.43 -1.00
CA THR D 189 40.05 10.15 -1.95
C THR D 189 41.13 10.92 -1.19
N VAL D 190 42.37 10.76 -1.61
CA VAL D 190 43.53 11.33 -0.91
C VAL D 190 44.40 12.06 -1.92
N PRO D 191 45.26 12.96 -1.44
CA PRO D 191 46.28 13.53 -2.33
C PRO D 191 47.22 12.45 -2.83
N SER D 192 47.54 12.50 -4.12
CA SER D 192 48.43 11.49 -4.69
C SER D 192 49.80 11.52 -4.02
N SER D 193 50.24 12.70 -3.56
CA SER D 193 51.51 12.83 -2.88
C SER D 193 51.50 12.25 -1.47
N SER D 194 50.33 11.91 -0.93
CA SER D 194 50.26 11.33 0.40
C SER D 194 50.64 9.86 0.40
N LEU D 195 50.56 9.18 -0.74
CA LEU D 195 50.97 7.78 -0.79
C LEU D 195 52.44 7.68 -0.43
N GLY D 196 52.79 6.62 0.28
CA GLY D 196 54.15 6.51 0.79
C GLY D 196 54.36 7.27 2.09
N THR D 197 54.05 8.57 2.09
CA THR D 197 54.27 9.41 3.26
C THR D 197 53.14 9.34 4.29
N GLN D 198 52.10 8.53 4.06
CA GLN D 198 51.00 8.44 5.01
C GLN D 198 50.40 7.04 4.94
N THR D 199 50.11 6.46 6.10
CA THR D 199 49.53 5.13 6.18
C THR D 199 48.02 5.23 6.27
N TYR D 200 47.32 4.44 5.46
CA TYR D 200 45.86 4.44 5.42
C TYR D 200 45.37 3.07 5.86
N ILE D 201 44.60 3.05 6.95
CA ILE D 201 44.14 1.82 7.57
C ILE D 201 42.63 1.91 7.75
N CYS D 202 41.91 0.91 7.23
CA CYS D 202 40.47 0.83 7.42
C CYS D 202 40.15 -0.15 8.53
N ASN D 203 39.17 0.22 9.35
CA ASN D 203 38.74 -0.52 10.52
C ASN D 203 37.31 -0.95 10.29
N VAL D 204 37.11 -2.26 10.09
CA VAL D 204 35.79 -2.86 9.89
C VAL D 204 35.39 -3.53 11.19
N ASN D 205 34.17 -3.26 11.64
CA ASN D 205 33.64 -3.86 12.85
C ASN D 205 32.33 -4.56 12.53
N HIS D 206 32.25 -5.84 12.90
CA HIS D 206 31.08 -6.67 12.70
C HIS D 206 30.74 -7.23 14.08
N LYS D 207 29.96 -6.47 14.84
CA LYS D 207 29.55 -6.92 16.17
C LYS D 207 28.80 -8.24 16.17
N PRO D 208 27.87 -8.52 15.24
CA PRO D 208 27.17 -9.82 15.30
C PRO D 208 28.09 -11.03 15.17
N SER D 209 29.31 -10.86 14.68
CA SER D 209 30.33 -11.91 14.70
C SER D 209 31.37 -11.72 15.79
N ASN D 210 31.30 -10.61 16.54
CA ASN D 210 32.40 -10.21 17.42
C ASN D 210 33.71 -10.17 16.67
N THR D 211 33.69 -9.58 15.48
CA THR D 211 34.87 -9.55 14.62
C THR D 211 35.25 -8.10 14.35
N LYS D 212 36.56 -7.82 14.44
CA LYS D 212 37.10 -6.53 14.00
C LYS D 212 38.31 -6.80 13.13
N VAL D 213 38.35 -6.17 11.96
CA VAL D 213 39.46 -6.29 11.03
C VAL D 213 40.08 -4.91 10.82
N ASP D 214 41.41 -4.86 10.84
CA ASP D 214 42.15 -3.64 10.55
C ASP D 214 43.07 -3.93 9.38
N LYS D 215 42.79 -3.31 8.23
CA LYS D 215 43.51 -3.59 6.99
C LYS D 215 44.22 -2.33 6.54
N LYS D 216 45.54 -2.43 6.40
CA LYS D 216 46.34 -1.35 5.82
C LYS D 216 46.29 -1.45 4.31
N VAL D 217 45.89 -0.35 3.66
CA VAL D 217 45.81 -0.29 2.20
C VAL D 217 47.11 0.32 1.70
N GLU D 218 47.85 -0.44 0.90
CA GLU D 218 49.15 0.01 0.41
C GLU D 218 49.10 0.22 -1.10
N PRO D 219 49.72 1.29 -1.60
CA PRO D 219 49.69 1.57 -3.05
C PRO D 219 50.54 0.56 -3.80
N LYS D 220 49.91 -0.17 -4.71
CA LYS D 220 50.63 -1.14 -5.55
C LYS D 220 50.96 -0.53 -6.90
N SER D 221 52.15 -0.84 -7.40
CA SER D 221 52.61 -0.30 -8.66
C SER D 221 52.12 -1.15 -9.82
N GLU E 228 14.03 -23.80 -43.27
CA GLU E 228 14.35 -25.14 -42.78
C GLU E 228 15.83 -25.20 -42.35
N LEU E 229 16.21 -24.29 -41.44
CA LEU E 229 17.58 -24.25 -40.94
C LEU E 229 17.87 -25.42 -40.01
N PRO E 230 19.15 -25.72 -39.81
CA PRO E 230 19.52 -26.79 -38.88
C PRO E 230 19.24 -26.38 -37.44
N PRO E 231 18.99 -27.35 -36.55
CA PRO E 231 18.63 -27.02 -35.18
C PRO E 231 19.85 -26.72 -34.33
N PRO E 232 19.71 -25.86 -33.31
CA PRO E 232 20.81 -25.62 -32.39
C PRO E 232 21.15 -26.88 -31.59
N GLU E 233 22.35 -26.91 -31.03
CA GLU E 233 22.88 -28.13 -30.45
C GLU E 233 23.67 -27.83 -29.18
N ASN E 234 23.89 -28.89 -28.39
CA ASN E 234 24.67 -28.86 -27.15
C ASN E 234 24.06 -27.88 -26.14
N ILE E 235 22.81 -28.15 -25.79
CA ILE E 235 22.05 -27.29 -24.90
C ILE E 235 22.41 -27.59 -23.45
N GLU E 236 22.80 -26.56 -22.69
CA GLU E 236 23.17 -26.74 -21.29
C GLU E 236 22.68 -25.58 -20.43
N VAL E 237 22.25 -25.90 -19.21
CA VAL E 237 21.85 -24.89 -18.23
C VAL E 237 22.88 -24.84 -17.12
N SER E 238 23.12 -23.64 -16.60
CA SER E 238 24.00 -23.46 -15.47
C SER E 238 23.44 -22.33 -14.61
N VAL E 239 23.99 -22.17 -13.41
CA VAL E 239 23.59 -21.12 -12.49
C VAL E 239 24.75 -20.16 -12.32
N GLN E 240 24.45 -18.85 -12.38
CA GLN E 240 25.45 -17.81 -12.15
C GLN E 240 24.79 -16.69 -11.36
N ASN E 241 25.20 -16.55 -10.09
CA ASN E 241 24.62 -15.60 -9.13
C ASN E 241 23.12 -15.86 -9.05
N GLN E 242 22.26 -14.86 -9.22
CA GLN E 242 20.82 -15.05 -9.17
C GLN E 242 20.23 -15.29 -10.55
N ASN E 243 21.02 -15.84 -11.47
CA ASN E 243 20.58 -16.03 -12.84
C ASN E 243 20.80 -17.46 -13.29
N TYR E 244 19.96 -17.89 -14.24
CA TYR E 244 20.18 -19.10 -15.01
C TYR E 244 20.82 -18.69 -16.32
N VAL E 245 21.76 -19.50 -16.79
CA VAL E 245 22.49 -19.27 -18.03
C VAL E 245 22.30 -20.47 -18.93
N LEU E 246 21.64 -20.25 -20.07
CA LEU E 246 21.35 -21.28 -21.04
C LEU E 246 22.29 -21.08 -22.22
N LYS E 247 23.14 -22.07 -22.46
CA LYS E 247 24.14 -22.01 -23.52
C LYS E 247 23.85 -23.06 -24.58
N TRP E 248 24.12 -22.72 -25.83
CA TRP E 248 24.02 -23.62 -26.95
C TRP E 248 25.15 -23.32 -27.92
N ASP E 249 25.27 -24.14 -28.96
CA ASP E 249 26.27 -23.95 -29.99
C ASP E 249 25.57 -23.88 -31.34
N TYR E 250 25.96 -22.90 -32.16
CA TYR E 250 25.47 -22.82 -33.52
C TYR E 250 26.63 -22.47 -34.44
N THR E 251 26.69 -23.17 -35.57
CA THR E 251 27.79 -23.03 -36.51
C THR E 251 27.58 -21.94 -37.55
N TYR E 252 26.34 -21.64 -37.94
CA TYR E 252 26.10 -20.65 -38.98
C TYR E 252 26.14 -19.28 -38.32
N ALA E 253 26.94 -18.38 -38.89
CA ALA E 253 27.04 -17.03 -38.33
C ALA E 253 25.83 -16.19 -38.71
N ASN E 254 25.75 -14.99 -38.12
CA ASN E 254 24.69 -14.02 -38.36
C ASN E 254 23.30 -14.63 -38.17
N MET E 255 23.06 -15.13 -36.95
CA MET E 255 21.77 -15.71 -36.62
C MET E 255 21.18 -15.06 -35.37
N THR E 256 19.87 -15.18 -35.23
CA THR E 256 19.18 -14.81 -34.01
C THR E 256 18.54 -16.06 -33.40
N PHE E 257 18.28 -16.00 -32.10
CA PHE E 257 17.77 -17.15 -31.39
C PHE E 257 16.59 -16.74 -30.52
N GLN E 258 15.69 -17.72 -30.31
CA GLN E 258 14.53 -17.58 -29.45
C GLN E 258 14.53 -18.73 -28.47
N VAL E 259 14.40 -18.42 -27.18
CA VAL E 259 14.40 -19.42 -26.11
C VAL E 259 12.99 -19.56 -25.56
N GLN E 260 12.52 -20.80 -25.46
CA GLN E 260 11.20 -21.11 -24.95
C GLN E 260 11.29 -22.08 -23.78
N TRP E 261 10.25 -22.06 -22.96
CA TRP E 261 10.16 -22.94 -21.79
C TRP E 261 8.76 -23.52 -21.72
N LEU E 262 8.64 -24.58 -20.92
CA LEU E 262 7.37 -25.27 -20.73
C LEU E 262 7.36 -25.94 -19.37
N HIS E 263 6.17 -26.04 -18.76
CA HIS E 263 6.01 -26.87 -17.57
C HIS E 263 6.18 -28.33 -17.96
N ALA E 264 7.01 -29.06 -17.21
CA ALA E 264 7.29 -30.45 -17.57
C ALA E 264 6.03 -31.30 -17.56
N PHE E 265 5.15 -31.11 -16.58
CA PHE E 265 3.97 -31.94 -16.46
C PHE E 265 2.99 -31.78 -17.61
N LEU E 266 3.19 -30.80 -18.49
CA LEU E 266 2.26 -30.57 -19.59
C LEU E 266 2.43 -31.59 -20.72
N LYS E 267 3.52 -32.35 -20.74
CA LYS E 267 3.74 -33.34 -21.79
C LYS E 267 2.93 -34.62 -21.60
N ARG E 268 2.44 -34.88 -20.39
CA ARG E 268 1.68 -36.10 -20.11
C ARG E 268 0.27 -35.83 -19.62
N ASN E 269 0.09 -34.90 -18.66
CA ASN E 269 -1.26 -34.66 -18.12
C ASN E 269 -2.21 -34.11 -19.17
N PRO E 270 -1.96 -32.94 -19.81
CA PRO E 270 -2.75 -32.61 -20.99
C PRO E 270 -2.33 -33.46 -22.16
N GLY E 271 -1.01 -33.52 -22.39
CA GLY E 271 -0.42 -34.21 -23.50
C GLY E 271 -1.09 -33.77 -24.78
N ASN E 272 -1.06 -34.66 -25.78
CA ASN E 272 -1.86 -34.53 -27.00
C ASN E 272 -1.84 -33.11 -27.57
N HIS E 273 -0.73 -32.39 -27.38
CA HIS E 273 -0.55 -31.01 -27.81
C HIS E 273 -1.60 -30.06 -27.25
N LEU E 274 -2.20 -30.38 -26.08
CA LEU E 274 -3.16 -29.49 -25.44
C LEU E 274 -2.46 -28.48 -24.52
N TYR E 275 -1.42 -27.83 -25.06
CA TYR E 275 -0.60 -26.89 -24.30
C TYR E 275 0.08 -25.98 -25.31
N LYS E 276 0.80 -24.98 -24.79
CA LYS E 276 1.49 -24.00 -25.60
C LYS E 276 2.80 -23.66 -24.95
N TRP E 277 3.87 -23.60 -25.74
CA TRP E 277 5.16 -23.19 -25.21
C TRP E 277 5.18 -21.69 -24.92
N LYS E 278 5.95 -21.31 -23.91
CA LYS E 278 6.07 -19.92 -23.46
C LYS E 278 7.46 -19.39 -23.79
N GLN E 279 7.60 -18.07 -23.80
CA GLN E 279 8.88 -17.42 -24.08
C GLN E 279 9.57 -16.95 -22.80
N ILE E 280 10.87 -17.18 -22.73
CA ILE E 280 11.68 -16.61 -21.65
C ILE E 280 11.64 -15.08 -21.77
N PRO E 281 11.28 -14.35 -20.68
CA PRO E 281 10.94 -12.92 -20.79
C PRO E 281 11.82 -12.05 -21.68
N ASP E 282 13.15 -12.12 -21.53
CA ASP E 282 14.04 -11.24 -22.30
C ASP E 282 14.98 -12.02 -23.21
N CYS E 283 14.55 -13.18 -23.70
CA CYS E 283 15.33 -13.97 -24.62
C CYS E 283 14.50 -14.32 -25.85
N GLU E 284 13.69 -13.36 -26.31
CA GLU E 284 12.87 -13.58 -27.49
C GLU E 284 13.68 -13.42 -28.77
N ASN E 285 14.71 -12.57 -28.76
CA ASN E 285 15.49 -12.38 -29.97
C ASN E 285 16.93 -12.05 -29.55
N VAL E 286 17.66 -13.09 -29.15
CA VAL E 286 19.04 -12.94 -28.69
C VAL E 286 19.97 -12.99 -29.89
N LYS E 287 21.15 -12.38 -29.74
CA LYS E 287 22.12 -12.28 -30.82
C LYS E 287 23.32 -13.20 -30.65
N THR E 288 23.56 -13.72 -29.46
CA THR E 288 24.64 -14.65 -29.21
C THR E 288 24.09 -16.05 -28.99
N THR E 289 24.99 -16.99 -28.70
CA THR E 289 24.61 -18.36 -28.37
C THR E 289 24.40 -18.55 -26.88
N GLN E 290 24.09 -17.48 -26.17
CA GLN E 290 23.92 -17.51 -24.72
C GLN E 290 22.68 -16.72 -24.34
N CYS E 291 22.03 -17.14 -23.26
CA CYS E 291 20.87 -16.44 -22.74
C CYS E 291 20.92 -16.45 -21.22
N VAL E 292 20.93 -15.28 -20.59
CA VAL E 292 20.89 -15.17 -19.15
C VAL E 292 19.52 -14.65 -18.75
N PHE E 293 18.94 -15.24 -17.71
CA PHE E 293 17.65 -14.76 -17.23
C PHE E 293 17.54 -14.98 -15.73
N PRO E 294 16.81 -14.12 -15.02
CA PRO E 294 16.70 -14.27 -13.56
C PRO E 294 16.06 -15.59 -13.18
N GLN E 295 16.42 -16.06 -11.98
CA GLN E 295 15.88 -17.32 -11.48
C GLN E 295 14.40 -17.20 -11.08
N ASN E 296 13.96 -16.00 -10.71
CA ASN E 296 12.55 -15.81 -10.36
C ASN E 296 11.65 -15.78 -11.59
N VAL E 297 12.22 -16.07 -12.76
CA VAL E 297 11.41 -16.41 -13.92
C VAL E 297 10.64 -17.70 -13.67
N PHE E 298 11.22 -18.60 -12.88
CA PHE E 298 10.60 -19.88 -12.55
C PHE E 298 10.24 -19.94 -11.09
N GLN E 299 9.31 -20.85 -10.77
CA GLN E 299 9.04 -21.30 -9.42
C GLN E 299 9.87 -22.55 -9.14
N LYS E 300 9.66 -23.18 -7.99
CA LYS E 300 10.28 -24.47 -7.72
C LYS E 300 9.48 -25.55 -8.44
N GLY E 301 10.03 -26.08 -9.53
CA GLY E 301 9.35 -27.09 -10.31
C GLY E 301 10.29 -27.70 -11.34
N ILE E 302 9.68 -28.42 -12.28
CA ILE E 302 10.42 -29.03 -13.38
C ILE E 302 10.01 -28.35 -14.67
N TYR E 303 10.98 -27.81 -15.40
CA TYR E 303 10.71 -27.07 -16.61
C TYR E 303 11.55 -27.62 -17.76
N LEU E 304 11.04 -27.40 -18.98
CA LEU E 304 11.71 -27.77 -20.21
C LEU E 304 12.14 -26.49 -20.92
N LEU E 305 13.34 -26.52 -21.48
CA LEU E 305 13.82 -25.36 -22.25
C LEU E 305 14.16 -25.81 -23.68
N ARG E 306 13.96 -24.95 -24.66
CA ARG E 306 14.28 -25.27 -26.07
C ARG E 306 14.67 -23.98 -26.78
N VAL E 307 15.52 -24.08 -27.80
CA VAL E 307 16.02 -22.87 -28.52
C VAL E 307 15.77 -23.05 -30.01
N GLN E 308 15.61 -21.94 -30.74
CA GLN E 308 15.39 -21.95 -32.20
C GLN E 308 16.20 -20.83 -32.81
N ALA E 309 16.41 -20.90 -34.11
CA ALA E 309 17.17 -19.84 -34.79
C ALA E 309 16.48 -19.40 -36.07
N SER E 310 16.71 -18.15 -36.47
CA SER E 310 16.17 -17.68 -37.77
C SER E 310 17.17 -16.75 -38.44
N ASP E 311 17.04 -16.64 -39.77
CA ASP E 311 17.95 -15.76 -40.54
C ASP E 311 17.21 -14.47 -40.81
N GLY E 312 15.95 -14.41 -40.37
CA GLY E 312 15.11 -13.25 -40.68
C GLY E 312 13.92 -13.72 -41.48
N ASN E 313 14.11 -14.79 -42.25
CA ASN E 313 13.01 -15.34 -43.06
C ASN E 313 12.81 -16.80 -42.69
N ASN E 314 13.85 -17.59 -42.85
CA ASN E 314 13.71 -19.05 -42.58
C ASN E 314 13.90 -19.30 -41.09
N THR E 315 13.16 -20.29 -40.56
CA THR E 315 13.26 -20.64 -39.14
C THR E 315 13.92 -22.00 -39.02
N SER E 316 14.60 -22.23 -37.89
CA SER E 316 15.29 -23.50 -37.67
C SER E 316 14.38 -24.48 -36.96
N PHE E 317 14.65 -25.76 -37.16
CA PHE E 317 13.92 -26.76 -36.37
C PHE E 317 14.23 -26.43 -34.91
N TRP E 318 13.44 -26.96 -33.99
CA TRP E 318 13.61 -26.61 -32.57
C TRP E 318 14.72 -27.45 -31.96
N SER E 319 15.44 -26.87 -31.01
CA SER E 319 16.54 -27.59 -30.33
C SER E 319 15.97 -28.76 -29.55
N GLU E 320 16.84 -29.59 -29.03
CA GLU E 320 16.37 -30.67 -28.15
C GLU E 320 15.85 -30.04 -26.87
N GLU E 321 14.71 -30.49 -26.38
CA GLU E 321 14.15 -29.97 -25.11
C GLU E 321 14.96 -30.52 -23.93
N ILE E 322 15.41 -29.65 -23.05
CA ILE E 322 16.17 -30.06 -21.84
C ILE E 322 15.25 -29.95 -20.63
N LYS E 323 15.34 -30.90 -19.70
CA LYS E 323 14.52 -30.87 -18.47
C LYS E 323 15.37 -30.31 -17.35
N PHE E 324 14.74 -29.58 -16.43
CA PHE E 324 15.52 -28.90 -15.36
C PHE E 324 14.70 -28.81 -14.08
N ASP E 325 15.34 -29.06 -12.93
CA ASP E 325 14.67 -28.90 -11.61
C ASP E 325 15.20 -27.60 -10.99
N THR E 326 14.30 -26.69 -10.69
CA THR E 326 14.73 -25.37 -10.18
C THR E 326 14.98 -25.46 -8.68
N GLU E 327 14.53 -26.52 -8.03
CA GLU E 327 14.82 -26.58 -6.61
C GLU E 327 16.26 -27.03 -6.39
N ILE E 328 16.64 -28.11 -7.06
CA ILE E 328 17.99 -28.67 -6.81
C ILE E 328 18.24 -29.57 -5.59
N GLN E 329 17.15 -30.03 -4.95
CA GLN E 329 17.21 -30.95 -3.78
C GLN E 329 16.40 -30.09 -2.79
N GLU F 228 -17.27 35.57 28.34
CA GLU F 228 -18.41 36.46 28.54
C GLU F 228 -19.73 35.70 28.64
N LEU F 229 -19.91 34.74 27.73
CA LEU F 229 -21.13 33.97 27.70
C LEU F 229 -21.18 33.02 28.89
N PRO F 230 -22.36 32.56 29.30
CA PRO F 230 -22.44 31.65 30.44
C PRO F 230 -21.89 30.27 30.09
N PRO F 231 -21.35 29.55 31.05
CA PRO F 231 -20.81 28.22 30.78
C PRO F 231 -21.92 27.19 30.74
N PRO F 232 -21.77 26.14 29.93
CA PRO F 232 -22.78 25.07 29.92
C PRO F 232 -22.83 24.33 31.26
N GLU F 233 -23.92 23.61 31.48
CA GLU F 233 -24.16 22.98 32.79
C GLU F 233 -24.73 21.59 32.62
N ASN F 234 -24.67 20.83 33.71
CA ASN F 234 -25.24 19.49 33.82
C ASN F 234 -24.68 18.56 32.74
N ILE F 235 -23.36 18.45 32.74
CA ILE F 235 -22.66 17.64 31.76
C ILE F 235 -22.72 16.18 32.21
N GLU F 236 -23.17 15.30 31.32
CA GLU F 236 -23.34 13.89 31.65
C GLU F 236 -22.91 13.03 30.48
N VAL F 237 -22.21 11.93 30.79
CA VAL F 237 -21.74 10.97 29.79
C VAL F 237 -22.55 9.69 29.92
N SER F 238 -22.82 9.06 28.78
CA SER F 238 -23.49 7.76 28.74
C SER F 238 -22.91 6.94 27.59
N VAL F 239 -23.28 5.67 27.54
CA VAL F 239 -22.83 4.77 26.48
C VAL F 239 -24.03 4.40 25.61
N GLN F 240 -23.80 4.39 24.30
CA GLN F 240 -24.80 3.99 23.32
C GLN F 240 -24.06 3.17 22.27
N ASN F 241 -24.36 1.86 22.22
CA ASN F 241 -23.63 0.89 21.39
C ASN F 241 -22.16 1.02 21.79
N GLN F 242 -21.24 1.21 20.84
CA GLN F 242 -19.82 1.40 21.12
C GLN F 242 -19.41 2.86 21.13
N ASN F 243 -20.32 3.77 21.47
CA ASN F 243 -20.06 5.20 21.43
C ASN F 243 -20.32 5.83 22.79
N TYR F 244 -19.60 6.91 23.08
CA TYR F 244 -19.89 7.78 24.21
C TYR F 244 -20.74 8.94 23.74
N VAL F 245 -21.70 9.33 24.59
CA VAL F 245 -22.61 10.43 24.33
C VAL F 245 -22.49 11.39 25.49
N LEU F 246 -22.03 12.61 25.20
CA LEU F 246 -21.83 13.67 26.17
C LEU F 246 -22.93 14.70 25.97
N LYS F 247 -23.81 14.86 26.95
CA LYS F 247 -24.94 15.76 26.86
C LYS F 247 -24.80 16.87 27.89
N TRP F 248 -25.23 18.07 27.53
CA TRP F 248 -25.25 19.21 28.43
C TRP F 248 -26.49 20.04 28.14
N ASP F 249 -26.68 21.10 28.92
CA ASP F 249 -27.79 22.02 28.75
C ASP F 249 -27.24 23.42 28.57
N TYR F 250 -27.84 24.14 27.63
CA TYR F 250 -27.52 25.54 27.38
C TYR F 250 -28.83 26.29 27.23
N THR F 251 -28.84 27.55 27.70
CA THR F 251 -30.09 28.30 27.71
C THR F 251 -30.36 28.95 26.36
N TYR F 252 -29.31 29.35 25.64
CA TYR F 252 -29.46 30.04 24.37
C TYR F 252 -29.47 29.06 23.20
N ALA F 253 -30.47 29.19 22.33
CA ALA F 253 -30.50 28.39 21.12
C ALA F 253 -29.55 28.99 20.08
N ASN F 254 -29.38 28.29 18.97
CA ASN F 254 -28.51 28.73 17.87
C ASN F 254 -27.10 29.06 18.37
N MET F 255 -26.44 28.04 18.93
CA MET F 255 -25.08 28.15 19.43
C MET F 255 -24.22 27.04 18.83
N THR F 256 -22.90 27.24 18.89
CA THR F 256 -21.96 26.19 18.57
C THR F 256 -21.16 25.83 19.82
N PHE F 257 -20.65 24.60 19.85
CA PHE F 257 -19.95 24.10 21.02
C PHE F 257 -18.65 23.41 20.63
N GLN F 258 -17.69 23.44 21.56
CA GLN F 258 -16.42 22.76 21.43
C GLN F 258 -16.19 21.91 22.67
N VAL F 259 -15.85 20.64 22.47
CA VAL F 259 -15.61 19.71 23.57
C VAL F 259 -14.13 19.39 23.63
N GLN F 260 -13.57 19.46 24.84
CA GLN F 260 -12.17 19.17 25.07
C GLN F 260 -12.02 18.08 26.12
N TRP F 261 -10.86 17.43 26.11
CA TRP F 261 -10.56 16.38 27.07
C TRP F 261 -9.13 16.56 27.56
N LEU F 262 -8.84 15.89 28.67
CA LEU F 262 -7.51 15.92 29.26
C LEU F 262 -7.29 14.64 30.05
N HIS F 263 -6.04 14.19 30.11
CA HIS F 263 -5.71 13.11 31.03
C HIS F 263 -5.87 13.60 32.46
N ALA F 264 -6.60 12.84 33.28
CA ALA F 264 -6.87 13.29 34.64
C ALA F 264 -5.58 13.46 35.43
N PHE F 265 -4.64 12.53 35.28
CA PHE F 265 -3.40 12.63 36.05
C PHE F 265 -2.58 13.85 35.70
N LEU F 266 -2.93 14.58 34.64
CA LEU F 266 -2.13 15.74 34.25
C LEU F 266 -2.33 16.94 35.18
N LYS F 267 -3.34 16.91 36.04
CA LYS F 267 -3.55 18.01 36.97
C LYS F 267 -2.61 17.96 38.18
N ARG F 268 -1.99 16.80 38.45
CA ARG F 268 -1.11 16.65 39.60
C ARG F 268 0.32 16.29 39.23
N ASN F 269 0.54 15.31 38.34
CA ASN F 269 1.90 14.91 38.01
C ASN F 269 2.69 16.06 37.40
N PRO F 270 2.23 16.73 36.28
CA PRO F 270 2.85 17.99 35.87
C PRO F 270 2.49 19.16 36.79
N GLY F 271 1.21 19.27 37.13
CA GLY F 271 0.70 20.42 37.86
C GLY F 271 1.07 21.73 37.21
N ASN F 272 1.06 22.83 37.99
CA ASN F 272 1.50 24.16 37.60
C ASN F 272 1.12 24.55 36.16
N HIS F 273 -0.03 24.05 35.67
CA HIS F 273 -0.53 24.36 34.33
C HIS F 273 0.48 24.03 33.22
N LEU F 274 1.34 23.03 33.45
CA LEU F 274 2.34 22.61 32.48
C LEU F 274 1.79 21.61 31.48
N TYR F 275 0.63 21.88 30.88
CA TYR F 275 -0.04 20.91 30.03
C TYR F 275 -0.98 21.65 29.09
N LYS F 276 -1.62 20.91 28.20
CA LYS F 276 -2.53 21.48 27.21
C LYS F 276 -3.71 20.56 27.01
N TRP F 277 -4.91 21.15 26.98
CA TRP F 277 -6.13 20.40 26.72
C TRP F 277 -6.19 19.95 25.26
N LYS F 278 -6.87 18.83 25.03
CA LYS F 278 -6.96 18.24 23.71
C LYS F 278 -8.37 18.40 23.15
N GLN F 279 -8.49 18.25 21.84
CA GLN F 279 -9.77 18.40 21.16
C GLN F 279 -10.36 17.02 20.91
N ILE F 280 -11.65 16.85 21.23
CA ILE F 280 -12.36 15.62 20.87
C ILE F 280 -12.43 15.59 19.34
N PRO F 281 -11.94 14.51 18.69
CA PRO F 281 -11.72 14.51 17.24
C PRO F 281 -12.82 15.10 16.36
N ASP F 282 -14.08 14.73 16.54
CA ASP F 282 -15.14 15.22 15.67
C ASP F 282 -16.21 15.98 16.45
N CYS F 283 -15.76 16.68 17.48
CA CYS F 283 -16.69 17.50 18.29
C CYS F 283 -15.98 18.84 18.51
N GLU F 284 -15.29 19.36 17.50
CA GLU F 284 -14.64 20.66 17.61
C GLU F 284 -15.62 21.81 17.42
N ASN F 285 -16.68 21.61 16.62
CA ASN F 285 -17.66 22.66 16.32
C ASN F 285 -19.03 21.99 16.16
N VAL F 286 -19.63 21.63 17.28
CA VAL F 286 -20.92 20.97 17.26
C VAL F 286 -22.03 22.02 17.24
N LYS F 287 -23.19 21.63 16.70
CA LYS F 287 -24.31 22.56 16.56
C LYS F 287 -25.45 22.31 17.53
N THR F 288 -25.51 21.14 18.15
CA THR F 288 -26.53 20.81 19.15
C THR F 288 -25.89 20.79 20.54
N THR F 289 -26.69 20.41 21.54
CA THR F 289 -26.23 20.33 22.91
C THR F 289 -25.70 18.93 23.27
N GLN F 290 -25.18 18.23 22.27
CA GLN F 290 -24.64 16.87 22.52
C GLN F 290 -23.42 16.56 21.65
N CYS F 291 -22.46 15.78 22.18
CA CYS F 291 -21.29 15.31 21.40
C CYS F 291 -21.26 13.79 21.46
N VAL F 292 -21.30 13.11 20.32
CA VAL F 292 -21.17 11.63 20.33
C VAL F 292 -19.87 11.26 19.63
N PHE F 293 -19.09 10.40 20.25
CA PHE F 293 -17.78 10.03 19.72
C PHE F 293 -17.46 8.59 20.08
N PRO F 294 -16.72 7.88 19.23
CA PRO F 294 -16.39 6.48 19.51
C PRO F 294 -15.60 6.32 20.80
N GLN F 295 -15.73 5.15 21.41
CA GLN F 295 -15.03 4.87 22.65
C GLN F 295 -13.54 4.68 22.46
N ASN F 296 -13.09 4.28 21.26
CA ASN F 296 -11.67 4.12 21.00
C ASN F 296 -10.96 5.47 20.83
N VAL F 297 -11.66 6.58 21.07
CA VAL F 297 -10.98 7.86 21.25
C VAL F 297 -10.11 7.80 22.50
N PHE F 298 -10.54 7.06 23.51
CA PHE F 298 -9.81 6.94 24.77
C PHE F 298 -9.23 5.55 24.93
N GLN F 299 -8.22 5.47 25.79
CA GLN F 299 -7.75 4.20 26.32
C GLN F 299 -8.49 3.92 27.64
N LYS F 300 -8.11 2.83 28.30
CA LYS F 300 -8.64 2.57 29.64
C LYS F 300 -7.89 3.45 30.63
N GLY F 301 -8.55 4.49 31.12
CA GLY F 301 -7.93 5.43 32.04
C GLY F 301 -8.94 6.37 32.65
N ILE F 302 -8.42 7.44 33.25
CA ILE F 302 -9.24 8.48 33.86
C ILE F 302 -9.07 9.75 33.05
N TYR F 303 -10.17 10.29 32.54
CA TYR F 303 -10.13 11.45 31.69
C TYR F 303 -11.09 12.53 32.20
N LEU F 304 -10.78 13.77 31.84
CA LEU F 304 -11.59 14.92 32.14
C LEU F 304 -12.18 15.47 30.85
N LEU F 305 -13.43 15.89 30.91
CA LEU F 305 -14.10 16.52 29.79
C LEU F 305 -14.55 17.92 30.17
N ARG F 306 -14.54 18.80 29.15
CA ARG F 306 -14.86 20.21 29.26
C ARG F 306 -15.66 20.63 28.02
N VAL F 307 -16.56 21.59 28.19
CA VAL F 307 -17.37 22.10 27.07
C VAL F 307 -17.35 23.62 27.07
N GLN F 308 -17.27 24.21 25.87
CA GLN F 308 -17.33 25.65 25.69
C GLN F 308 -18.35 25.99 24.61
N ALA F 309 -18.99 27.15 24.76
CA ALA F 309 -19.98 27.62 23.81
C ALA F 309 -19.48 28.87 23.10
N SER F 310 -20.01 29.09 21.90
CA SER F 310 -19.66 30.27 21.12
C SER F 310 -20.81 30.63 20.19
N ASP F 311 -20.92 31.93 19.90
CA ASP F 311 -21.91 32.47 18.99
C ASP F 311 -21.28 33.01 17.70
N GLY F 312 -19.98 32.83 17.53
CA GLY F 312 -19.26 33.36 16.39
C GLY F 312 -18.39 34.58 16.69
N ASN F 313 -18.75 35.37 17.71
CA ASN F 313 -17.99 36.55 18.08
C ASN F 313 -17.34 36.43 19.44
N ASN F 314 -18.11 36.08 20.47
CA ASN F 314 -17.60 35.89 21.83
C ASN F 314 -17.56 34.41 22.19
N THR F 315 -16.66 34.07 23.12
CA THR F 315 -16.52 32.73 23.64
C THR F 315 -17.04 32.67 25.07
N SER F 316 -17.63 31.52 25.43
CA SER F 316 -18.14 31.33 26.78
C SER F 316 -17.03 30.87 27.71
N PHE F 317 -17.30 30.97 29.00
CA PHE F 317 -16.41 30.35 29.97
C PHE F 317 -16.52 28.84 29.86
N TRP F 318 -15.44 28.17 30.23
CA TRP F 318 -15.42 26.72 30.16
C TRP F 318 -16.34 26.14 31.23
N SER F 319 -17.03 25.05 30.86
CA SER F 319 -17.93 24.38 31.79
C SER F 319 -17.14 23.71 32.90
N GLU F 320 -17.87 23.23 33.90
CA GLU F 320 -17.25 22.48 34.99
C GLU F 320 -16.63 21.19 34.45
N GLU F 321 -15.37 20.95 34.81
CA GLU F 321 -14.66 19.77 34.31
C GLU F 321 -15.21 18.51 34.95
N ILE F 322 -15.49 17.50 34.13
CA ILE F 322 -16.09 16.27 34.62
C ILE F 322 -15.07 15.14 34.54
N LYS F 323 -15.04 14.31 35.58
CA LYS F 323 -14.10 13.20 35.71
C LYS F 323 -14.79 11.90 35.33
N PHE F 324 -14.06 11.04 34.61
CA PHE F 324 -14.69 9.85 34.07
C PHE F 324 -13.66 8.73 33.98
N ASP F 325 -14.10 7.51 34.27
CA ASP F 325 -13.30 6.30 34.17
C ASP F 325 -13.81 5.51 32.98
N THR F 326 -12.93 5.09 32.08
CA THR F 326 -13.42 4.38 30.91
C THR F 326 -13.59 2.88 31.15
N GLU F 327 -12.94 2.33 32.17
CA GLU F 327 -13.11 0.92 32.55
C GLU F 327 -14.27 0.74 33.55
N ILE F 328 -15.49 1.07 33.12
CA ILE F 328 -16.64 0.98 34.03
C ILE F 328 -17.41 -0.34 33.90
N GLN F 329 -16.98 -1.24 33.00
CA GLN F 329 -17.65 -2.53 32.71
C GLN F 329 -19.14 -2.35 32.41
#